data_9B9T
#
_entry.id   9B9T
#
_cell.length_a   79.863
_cell.length_b   83.714
_cell.length_c   130.126
_cell.angle_alpha   90.000
_cell.angle_beta   90.000
_cell.angle_gamma   90.000
#
_symmetry.space_group_name_H-M   'P 21 21 21'
#
loop_
_entity.id
_entity.type
_entity.pdbx_description
1 polymer 'WD repeat-containing protein 5'
2 polymer 'DDB1- and CUL4-associated factor 1'
3 non-polymer "N-{(1P)-5'-[(17-{(4P)-4-[(2P)-4-{[(1R)-3-amino-1-(3-chloro-4-fluorophenyl)-3-oxopropyl]carbamoyl}-3-(4-chloro-2-fluorophenyl)-1H-pyrrol-2-yl]-1H-pyrazol-1-yl}-16-oxo-3,6,9,12-tetraoxa-15-azaheptadecan-1-yl)carbamoyl]-2'-fluoro-4-[(3R,5S)-3,4,5-trimethylpiperazin-1-yl][1,1'-biphenyl]-3-yl}-6-oxo-4-(trifluoromethyl)-1,6-dihydropyridine-3-carboxamide"
4 water water
#
loop_
_entity_poly.entity_id
_entity_poly.type
_entity_poly.pdbx_seq_one_letter_code
_entity_poly.pdbx_strand_id
1 'polypeptide(L)'
;MHHHHHHSSGRENLYFQGTQSKPTPVKPNYALKFTLAGHTKAVSSVKFSPNGEWLASSSADKLIKIWGAYDGKFEKTISG
HKLGISDVAWSSDSNLLVSASDDKTLKIWDVSSGKCLKTLKGHSNYVFCCNFNPQSNLIVSGSFDESVRIWDVKTGKCLK
TLPAHSDPVSAVHFNRDGSLIVSSSYDGLCRIWDTASGQCLKTLIDDDNPPVSFVKFSPNGKYILAATLDNTLKLWDYSK
GKCLKTYTGHKNEKYCIFANFSVTGGKWIVSGSEDNLVYIWNLQTKEIVQKLQGHTDVVISTACHPTENIIASAALENDK
TIKLWKSDC
;
A
2 'polypeptide(L)'
;MGSSHHHHHHSSGRENLYFQGSSRASAFRPISVFREANEDESGFTCCAFSARERFLMLGTCTGQLKLYNVFSGQEEASYN
CHNSAITHLEPSRDGSLLLTSATWSQPLSALWGMKSVFDMKHSFTEDHYVEFSKHSQDRVIGTKGDIAHIYDIQTGNKLL
TLFNPDLANNYKRNCATFNPTDDLVLNDGVLWDVRSAQAIHKFDKFNMNISGVFHPNGLEVIINTEIWDLRTFHLLHTVP
ALDQCRVVFNHTGTVMYGAMLQADDEDDLMEERMKSPFGSSFRTFNATDYKPIATIDVKRNIFDLCTDTKDCYLAVIENQ
GSMDALNMDTVCRLYEVG
;
B
#
loop_
_chem_comp.id
_chem_comp.type
_chem_comp.name
_chem_comp.formula
A1ANM non-polymer N-{(1P)-5'-[(17-{(4P)-4-[(2P)-4-{[(1R)-3-amino-1-(3-chloro-4-fluorophenyl)-3-oxopropyl]carbamoyl}-3-(4-chloro-2-fluorophenyl)-1H-pyrrol-2-yl]-1H-pyrazol-1-yl}-16-oxo-3,6,9,12-tetraoxa-15-azaheptadecan-1-yl)carbamoyl]-2'-fluoro-4-[(3R,5S)-3,4,5-trimethylpiperazin-1-yl][1,1'-biphenyl]-3-yl}-6-oxo-4-(trifluoromethyl)-1,6-dihydropyridine-3-carboxamide 'C62 H65 Cl2 F6 N11 O10'
#
# COMPACT_ATOMS: atom_id res chain seq x y z
N PRO A 25 3.08 -42.55 6.12
CA PRO A 25 3.68 -41.21 6.05
C PRO A 25 3.69 -40.48 7.40
N VAL A 26 4.87 -40.24 7.97
CA VAL A 26 4.97 -39.57 9.25
C VAL A 26 4.45 -38.14 9.14
N LYS A 27 3.72 -37.69 10.17
CA LYS A 27 3.22 -36.34 10.29
C LYS A 27 3.73 -35.71 11.57
N PRO A 28 3.97 -34.40 11.58
CA PRO A 28 4.31 -33.72 12.83
C PRO A 28 3.06 -33.51 13.69
N ASN A 29 3.29 -33.19 14.96
CA ASN A 29 2.19 -32.94 15.89
C ASN A 29 2.44 -31.66 16.64
N TYR A 30 2.66 -30.57 15.89
CA TYR A 30 2.90 -29.29 16.55
C TYR A 30 1.72 -28.91 17.42
N ALA A 31 2.02 -28.50 18.66
CA ALA A 31 1.00 -28.10 19.61
C ALA A 31 1.42 -26.82 20.30
N LEU A 32 0.44 -25.99 20.63
CA LEU A 32 0.71 -24.67 21.16
C LEU A 32 1.28 -24.75 22.57
N LYS A 33 2.44 -24.13 22.77
CA LYS A 33 3.10 -24.10 24.08
C LYS A 33 3.05 -22.75 24.76
N PHE A 34 3.26 -21.66 24.04
CA PHE A 34 3.18 -20.33 24.64
C PHE A 34 2.61 -19.33 23.65
N THR A 35 1.93 -18.32 24.18
CA THR A 35 1.50 -17.15 23.42
C THR A 35 2.21 -15.93 23.99
N LEU A 36 2.95 -15.22 23.16
CA LEU A 36 3.79 -14.12 23.59
C LEU A 36 3.06 -12.83 23.28
N ALA A 37 2.61 -12.15 24.34
CA ALA A 37 1.91 -10.88 24.21
C ALA A 37 2.81 -9.74 24.66
N GLY A 38 2.62 -8.56 24.05
CA GLY A 38 3.53 -7.48 24.36
C GLY A 38 3.58 -6.40 23.30
N HIS A 39 3.68 -6.79 22.03
CA HIS A 39 3.61 -5.79 20.98
C HIS A 39 2.21 -5.19 20.95
N THR A 40 2.14 -3.89 20.62
CA THR A 40 0.87 -3.19 20.59
C THR A 40 0.35 -2.93 19.17
N LYS A 41 1.02 -3.49 18.15
CA LYS A 41 0.58 -3.45 16.77
C LYS A 41 0.95 -4.78 16.13
N ALA A 42 0.58 -4.93 14.85
CA ALA A 42 0.97 -6.12 14.07
C ALA A 42 2.41 -6.53 14.36
N VAL A 43 2.63 -7.83 14.51
CA VAL A 43 3.98 -8.38 14.57
C VAL A 43 4.41 -8.77 13.15
N SER A 44 5.49 -8.17 12.68
CA SER A 44 5.92 -8.35 11.30
C SER A 44 6.86 -9.53 11.12
N SER A 45 7.74 -9.84 12.08
CA SER A 45 8.76 -10.84 11.80
C SER A 45 9.25 -11.46 13.10
N VAL A 46 9.34 -12.78 13.15
CA VAL A 46 9.93 -13.50 14.26
C VAL A 46 11.10 -14.34 13.73
N LYS A 47 12.20 -14.33 14.48
CA LYS A 47 13.43 -15.00 14.07
C LYS A 47 14.08 -15.64 15.29
N PHE A 48 14.46 -16.91 15.19
CA PHE A 48 15.24 -17.56 16.25
C PHE A 48 16.71 -17.21 16.11
N SER A 49 17.37 -16.95 17.24
CA SER A 49 18.79 -16.69 17.17
C SER A 49 19.49 -17.96 16.68
N PRO A 50 20.58 -17.82 15.94
CA PRO A 50 21.31 -19.02 15.47
C PRO A 50 21.74 -19.96 16.61
N ASN A 51 22.00 -19.44 17.82
CA ASN A 51 22.38 -20.32 18.91
C ASN A 51 21.18 -20.95 19.60
N GLY A 52 19.97 -20.72 19.10
CA GLY A 52 18.81 -21.42 19.61
C GLY A 52 18.23 -20.87 20.89
N GLU A 53 18.87 -19.89 21.51
CA GLU A 53 18.42 -19.42 22.82
C GLU A 53 17.29 -18.41 22.75
N TRP A 54 17.21 -17.61 21.67
CA TRP A 54 16.36 -16.43 21.68
C TRP A 54 15.44 -16.38 20.48
N LEU A 55 14.30 -15.72 20.67
CA LEU A 55 13.39 -15.32 19.59
C LEU A 55 13.34 -13.79 19.56
N ALA A 56 13.66 -13.20 18.42
CA ALA A 56 13.50 -11.77 18.23
C ALA A 56 12.27 -11.49 17.38
N SER A 57 11.53 -10.45 17.75
CA SER A 57 10.33 -10.05 17.02
C SER A 57 10.39 -8.56 16.72
N SER A 58 9.90 -8.19 15.54
CA SER A 58 9.75 -6.80 15.13
C SER A 58 8.27 -6.53 14.94
N SER A 59 7.90 -5.26 15.00
CA SER A 59 6.48 -4.92 14.98
C SER A 59 6.25 -3.58 14.29
N ALA A 60 5.01 -3.42 13.82
CA ALA A 60 4.55 -2.10 13.39
C ALA A 60 4.62 -1.08 14.52
N ASP A 61 4.74 -1.55 15.78
CA ASP A 61 4.82 -0.63 16.91
C ASP A 61 6.20 -0.03 17.06
N LYS A 62 7.08 -0.23 16.08
CA LYS A 62 8.41 0.36 16.03
C LYS A 62 9.40 -0.32 16.95
N LEU A 63 9.03 -1.43 17.59
CA LEU A 63 9.86 -2.05 18.62
C LEU A 63 10.36 -3.40 18.16
N ILE A 64 11.53 -3.77 18.66
CA ILE A 64 12.04 -5.12 18.60
C ILE A 64 11.94 -5.68 20.02
N LYS A 65 11.52 -6.93 20.14
CA LYS A 65 11.51 -7.60 21.43
C LYS A 65 12.24 -8.92 21.36
N ILE A 66 12.89 -9.27 22.47
CA ILE A 66 13.65 -10.51 22.61
C ILE A 66 12.92 -11.39 23.62
N TRP A 67 12.73 -12.65 23.27
CA TRP A 67 12.04 -13.59 24.14
C TRP A 67 12.87 -14.85 24.27
N GLY A 68 12.63 -15.57 25.36
CA GLY A 68 13.28 -16.86 25.56
C GLY A 68 12.66 -17.92 24.66
N ALA A 69 13.49 -18.59 23.87
CA ALA A 69 12.96 -19.48 22.84
C ALA A 69 12.30 -20.72 23.43
N TYR A 70 12.78 -21.19 24.60
CA TYR A 70 12.24 -22.41 25.17
C TYR A 70 11.13 -22.15 26.19
N ASP A 71 11.10 -20.99 26.84
CA ASP A 71 10.06 -20.67 27.81
C ASP A 71 9.15 -19.54 27.37
N GLY A 72 9.45 -18.87 26.26
CA GLY A 72 8.61 -17.76 25.84
C GLY A 72 8.66 -16.54 26.73
N LYS A 73 9.63 -16.46 27.64
CA LYS A 73 9.68 -15.38 28.62
C LYS A 73 10.25 -14.12 27.98
N PHE A 74 9.53 -13.00 28.13
CA PHE A 74 10.03 -11.71 27.68
C PHE A 74 11.41 -11.42 28.30
N GLU A 75 12.30 -10.86 27.49
CA GLU A 75 13.65 -10.51 27.95
C GLU A 75 13.88 -9.02 27.90
N LYS A 76 13.69 -8.37 26.76
CA LYS A 76 13.97 -6.94 26.67
C LYS A 76 13.31 -6.39 25.43
N THR A 77 13.14 -5.07 25.44
CA THR A 77 12.67 -4.31 24.30
C THR A 77 13.81 -3.47 23.76
N ILE A 78 13.89 -3.37 22.44
CA ILE A 78 14.92 -2.61 21.76
C ILE A 78 14.23 -1.57 20.88
N SER A 79 14.59 -0.32 21.06
CA SER A 79 13.84 0.77 20.45
C SER A 79 14.80 1.76 19.79
N GLY A 80 14.24 2.52 18.86
CA GLY A 80 15.02 3.50 18.11
C GLY A 80 14.45 3.84 16.74
N HIS A 81 13.88 2.86 16.03
CA HIS A 81 13.23 3.17 14.75
C HIS A 81 12.08 4.14 14.98
N LYS A 82 11.86 5.01 13.98
CA LYS A 82 10.86 6.05 14.10
C LYS A 82 9.52 5.64 13.54
N LEU A 83 9.46 4.58 12.74
CA LEU A 83 8.23 4.05 12.19
C LEU A 83 8.26 2.52 12.29
N GLY A 84 7.22 1.88 11.77
CA GLY A 84 7.08 0.43 11.80
C GLY A 84 8.32 -0.30 11.30
N ILE A 85 8.55 -1.49 11.85
CA ILE A 85 9.61 -2.38 11.41
C ILE A 85 8.95 -3.55 10.71
N SER A 86 9.41 -3.88 9.49
CA SER A 86 8.83 -5.06 8.85
C SER A 86 9.74 -6.28 8.91
N ASP A 87 11.00 -6.15 9.35
CA ASP A 87 11.82 -7.36 9.37
C ASP A 87 12.99 -7.16 10.32
N VAL A 88 13.48 -8.29 10.84
CA VAL A 88 14.64 -8.28 11.72
C VAL A 88 15.39 -9.58 11.45
N ALA A 89 16.70 -9.57 11.73
CA ALA A 89 17.55 -10.70 11.39
C ALA A 89 18.76 -10.74 12.32
N TRP A 90 19.22 -11.97 12.61
CA TRP A 90 20.32 -12.22 13.52
C TRP A 90 21.64 -12.35 12.75
N SER A 91 22.72 -11.87 13.36
CA SER A 91 24.04 -12.22 12.87
C SER A 91 24.39 -13.66 13.27
N SER A 92 25.36 -14.25 12.55
CA SER A 92 25.67 -15.66 12.76
C SER A 92 26.05 -15.97 14.21
N ASP A 93 26.70 -15.04 14.89
CA ASP A 93 27.15 -15.30 16.26
C ASP A 93 26.09 -14.94 17.30
N SER A 94 24.85 -14.69 16.89
CA SER A 94 23.74 -14.38 17.79
C SER A 94 23.95 -13.12 18.61
N ASN A 95 24.94 -12.30 18.26
CA ASN A 95 25.14 -11.10 19.05
C ASN A 95 24.52 -9.86 18.45
N LEU A 96 24.33 -9.81 17.13
CA LEU A 96 23.80 -8.61 16.48
C LEU A 96 22.42 -8.85 15.89
N LEU A 97 21.67 -7.76 15.78
CA LEU A 97 20.43 -7.71 14.99
C LEU A 97 20.56 -6.62 13.94
N VAL A 98 19.90 -6.86 12.81
CA VAL A 98 19.60 -5.80 11.87
C VAL A 98 18.09 -5.77 11.70
N SER A 99 17.54 -4.59 11.54
CA SER A 99 16.12 -4.38 11.37
C SER A 99 15.87 -3.48 10.17
N ALA A 100 14.74 -3.68 9.51
CA ALA A 100 14.38 -2.92 8.32
C ALA A 100 13.07 -2.20 8.62
N SER A 101 13.05 -0.88 8.42
CA SER A 101 11.95 -0.06 8.92
C SER A 101 11.32 0.80 7.82
N ASP A 102 10.07 1.17 8.06
CA ASP A 102 9.37 2.07 7.13
C ASP A 102 9.97 3.47 7.22
N ASP A 103 10.78 3.73 8.25
CA ASP A 103 11.44 5.03 8.32
C ASP A 103 12.59 5.13 7.32
N LYS A 104 12.75 4.17 6.43
CA LYS A 104 13.69 4.20 5.31
C LYS A 104 15.10 3.83 5.75
N THR A 105 15.30 3.40 6.99
CA THR A 105 16.62 2.97 7.42
C THR A 105 16.60 1.50 7.83
N LEU A 106 17.79 0.91 7.89
CA LEU A 106 18.02 -0.25 8.73
C LEU A 106 18.86 0.18 9.92
N LYS A 107 18.82 -0.64 10.96
CA LYS A 107 19.62 -0.39 12.14
C LYS A 107 20.32 -1.66 12.55
N ILE A 108 21.61 -1.54 12.89
CA ILE A 108 22.39 -2.63 13.47
C ILE A 108 22.39 -2.43 14.97
N TRP A 109 22.07 -3.49 15.71
CA TRP A 109 21.89 -3.45 17.16
C TRP A 109 22.81 -4.45 17.83
N ASP A 110 23.40 -4.04 18.96
CA ASP A 110 24.04 -4.97 19.87
C ASP A 110 22.96 -5.48 20.81
N VAL A 111 22.67 -6.77 20.76
CA VAL A 111 21.49 -7.28 21.45
C VAL A 111 21.68 -7.23 22.96
N SER A 112 22.85 -7.67 23.46
CA SER A 112 23.02 -7.72 24.91
C SER A 112 22.93 -6.32 25.52
N SER A 113 23.39 -5.29 24.81
CA SER A 113 23.31 -3.93 25.32
C SER A 113 22.05 -3.20 24.89
N GLY A 114 21.41 -3.62 23.79
CA GLY A 114 20.26 -2.92 23.27
C GLY A 114 20.58 -1.67 22.47
N LYS A 115 21.85 -1.36 22.24
CA LYS A 115 22.23 -0.08 21.64
C LYS A 115 22.30 -0.17 20.13
N CYS A 116 21.95 0.94 19.47
CA CYS A 116 22.06 1.04 18.03
C CYS A 116 23.50 1.33 17.64
N LEU A 117 24.13 0.40 16.93
CA LEU A 117 25.52 0.58 16.53
C LEU A 117 25.64 1.41 15.25
N LYS A 118 24.73 1.21 14.31
CA LYS A 118 24.77 1.94 13.05
C LYS A 118 23.35 2.10 12.56
N THR A 119 23.09 3.22 11.89
CA THR A 119 21.87 3.42 11.12
C THR A 119 22.27 3.48 9.64
N LEU A 120 21.71 2.57 8.84
CA LEU A 120 22.06 2.47 7.42
C LEU A 120 21.05 3.31 6.63
N LYS A 121 21.53 4.39 6.03
CA LYS A 121 20.70 5.33 5.30
C LYS A 121 21.12 5.32 3.84
N GLY A 122 20.13 5.45 2.95
CA GLY A 122 20.40 5.33 1.53
C GLY A 122 19.16 4.93 0.75
N HIS A 123 18.36 4.01 1.28
CA HIS A 123 17.07 3.73 0.66
C HIS A 123 16.21 4.98 0.62
N SER A 124 15.47 5.15 -0.47
CA SER A 124 14.59 6.30 -0.62
C SER A 124 13.15 6.02 -0.19
N ASN A 125 12.84 4.82 0.29
CA ASN A 125 11.50 4.54 0.79
C ASN A 125 11.58 3.34 1.74
N TYR A 126 10.42 2.83 2.14
CA TYR A 126 10.37 1.79 3.18
C TYR A 126 11.32 0.66 2.86
N VAL A 127 12.04 0.20 3.90
CA VAL A 127 12.91 -0.96 3.82
C VAL A 127 12.13 -2.16 4.33
N PHE A 128 11.94 -3.17 3.49
CA PHE A 128 11.05 -4.27 3.80
C PHE A 128 11.76 -5.52 4.31
N CYS A 129 13.02 -5.72 3.96
CA CYS A 129 13.63 -7.02 4.23
C CYS A 129 15.12 -6.83 4.47
N CYS A 130 15.71 -7.71 5.28
CA CYS A 130 17.13 -7.57 5.59
C CYS A 130 17.69 -8.92 6.05
N ASN A 131 19.01 -9.04 5.93
CA ASN A 131 19.71 -10.25 6.32
C ASN A 131 21.21 -9.96 6.39
N PHE A 132 21.89 -10.61 7.33
CA PHE A 132 23.34 -10.69 7.36
C PHE A 132 23.82 -11.75 6.38
N ASN A 133 25.04 -11.57 5.84
CA ASN A 133 25.66 -12.75 5.22
C ASN A 133 26.23 -13.66 6.31
N PRO A 134 26.51 -14.92 5.98
CA PRO A 134 27.05 -15.83 7.01
C PRO A 134 28.34 -15.31 7.61
N GLN A 135 29.17 -14.61 6.83
CA GLN A 135 30.39 -14.03 7.37
C GLN A 135 30.11 -12.86 8.31
N SER A 136 28.88 -12.31 8.31
CA SER A 136 28.46 -11.25 9.21
C SER A 136 29.19 -9.93 8.97
N ASN A 137 29.84 -9.77 7.83
CA ASN A 137 30.42 -8.48 7.50
C ASN A 137 29.59 -7.73 6.48
N LEU A 138 28.48 -8.29 6.01
CA LEU A 138 27.62 -7.60 5.07
C LEU A 138 26.16 -7.70 5.52
N ILE A 139 25.38 -6.68 5.20
CA ILE A 139 23.93 -6.75 5.29
C ILE A 139 23.36 -6.48 3.90
N VAL A 140 22.35 -7.27 3.53
CA VAL A 140 21.57 -7.06 2.32
C VAL A 140 20.19 -6.56 2.74
N SER A 141 19.65 -5.60 1.98
CA SER A 141 18.36 -5.00 2.26
C SER A 141 17.58 -4.88 0.97
N GLY A 142 16.25 -4.90 1.09
CA GLY A 142 15.37 -4.67 -0.03
C GLY A 142 14.29 -3.68 0.36
N SER A 143 13.81 -2.93 -0.62
CA SER A 143 13.01 -1.75 -0.32
C SER A 143 11.86 -1.59 -1.32
N PHE A 144 10.83 -0.88 -0.85
CA PHE A 144 9.79 -0.36 -1.72
C PHE A 144 10.40 0.43 -2.88
N ASP A 145 11.60 1.00 -2.68
CA ASP A 145 12.24 1.78 -3.72
C ASP A 145 12.79 0.93 -4.84
N GLU A 146 12.59 -0.39 -4.80
CA GLU A 146 12.84 -1.32 -5.89
C GLU A 146 14.32 -1.69 -5.95
N SER A 147 15.14 -1.23 -5.02
CA SER A 147 16.56 -1.56 -5.03
C SER A 147 16.87 -2.62 -3.98
N VAL A 148 18.01 -3.28 -4.20
CA VAL A 148 18.66 -4.13 -3.21
C VAL A 148 20.00 -3.46 -2.90
N ARG A 149 20.27 -3.28 -1.62
CA ARG A 149 21.49 -2.63 -1.17
C ARG A 149 22.32 -3.58 -0.33
N ILE A 150 23.65 -3.48 -0.47
CA ILE A 150 24.61 -4.25 0.31
C ILE A 150 25.43 -3.27 1.12
N TRP A 151 25.48 -3.48 2.43
CA TRP A 151 26.01 -2.50 3.37
C TRP A 151 27.22 -3.07 4.09
N ASP A 152 28.13 -2.17 4.45
CA ASP A 152 29.28 -2.53 5.30
C ASP A 152 28.85 -2.51 6.77
N VAL A 153 28.74 -3.69 7.37
CA VAL A 153 28.35 -3.85 8.77
C VAL A 153 29.17 -2.95 9.68
N LYS A 154 30.49 -2.95 9.48
CA LYS A 154 31.39 -2.23 10.41
C LYS A 154 31.38 -0.72 10.16
N THR A 155 31.35 -0.30 8.90
CA THR A 155 31.32 1.13 8.61
C THR A 155 29.90 1.66 8.52
N GLY A 156 28.91 0.79 8.31
CA GLY A 156 27.55 1.23 8.09
C GLY A 156 27.34 1.91 6.76
N LYS A 157 28.28 1.74 5.84
CA LYS A 157 28.21 2.38 4.53
C LYS A 157 27.61 1.42 3.51
N CYS A 158 26.88 1.99 2.56
CA CYS A 158 26.35 1.20 1.47
C CYS A 158 27.49 0.88 0.49
N LEU A 159 27.82 -0.40 0.34
CA LEU A 159 28.85 -0.77 -0.61
C LEU A 159 28.31 -0.79 -2.04
N LYS A 160 27.08 -1.29 -2.23
CA LYS A 160 26.49 -1.44 -3.55
C LYS A 160 24.99 -1.14 -3.51
N THR A 161 24.50 -0.47 -4.55
CA THR A 161 23.07 -0.33 -4.77
C THR A 161 22.75 -1.11 -6.04
N LEU A 162 21.96 -2.17 -5.90
CA LEU A 162 21.60 -2.91 -7.11
C LEU A 162 20.26 -2.42 -7.66
N PRO A 163 20.16 -2.10 -8.95
CA PRO A 163 18.85 -1.78 -9.53
C PRO A 163 18.10 -3.08 -9.77
N ALA A 164 17.63 -3.69 -8.67
CA ALA A 164 17.34 -5.10 -8.70
C ALA A 164 16.07 -5.40 -9.48
N HIS A 165 15.06 -4.53 -9.36
CA HIS A 165 13.72 -4.91 -9.78
C HIS A 165 12.99 -3.67 -10.27
N SER A 166 11.84 -3.88 -10.92
CA SER A 166 11.01 -2.78 -11.38
C SER A 166 9.75 -2.59 -10.54
N ASP A 167 9.68 -3.21 -9.36
CA ASP A 167 8.62 -3.03 -8.38
C ASP A 167 9.21 -3.28 -7.00
N PRO A 168 8.46 -2.99 -5.94
CA PRO A 168 9.00 -3.16 -4.58
C PRO A 168 9.62 -4.54 -4.34
N VAL A 169 10.66 -4.57 -3.51
CA VAL A 169 11.37 -5.81 -3.18
C VAL A 169 10.82 -6.38 -1.87
N SER A 170 10.46 -7.65 -1.89
CA SER A 170 9.76 -8.26 -0.75
C SER A 170 10.64 -9.13 0.15
N ALA A 171 11.79 -9.60 -0.35
CA ALA A 171 12.66 -10.46 0.44
C ALA A 171 14.07 -10.45 -0.17
N VAL A 172 15.06 -10.66 0.70
CA VAL A 172 16.46 -10.77 0.29
C VAL A 172 17.12 -11.75 1.24
N HIS A 173 18.07 -12.53 0.70
CA HIS A 173 18.65 -13.63 1.46
C HIS A 173 19.98 -14.03 0.83
N PHE A 174 21.00 -14.19 1.67
CA PHE A 174 22.27 -14.78 1.24
C PHE A 174 22.16 -16.30 1.23
N ASN A 175 22.89 -16.93 0.31
CA ASN A 175 23.03 -18.38 0.31
C ASN A 175 24.07 -18.78 1.38
N ARG A 176 24.18 -20.09 1.63
CA ARG A 176 24.98 -20.65 2.75
C ARG A 176 26.42 -20.13 2.82
N ASP A 177 27.04 -19.91 1.68
CA ASP A 177 28.42 -19.46 1.70
C ASP A 177 28.57 -17.98 1.37
N GLY A 178 27.45 -17.25 1.25
CA GLY A 178 27.46 -15.82 1.07
C GLY A 178 27.87 -15.33 -0.30
N SER A 179 28.14 -16.23 -1.26
CA SER A 179 28.52 -15.79 -2.59
C SER A 179 27.33 -15.34 -3.42
N LEU A 180 26.12 -15.73 -3.04
CA LEU A 180 24.91 -15.39 -3.77
C LEU A 180 23.92 -14.65 -2.86
N ILE A 181 23.16 -13.75 -3.47
CA ILE A 181 21.98 -13.15 -2.88
C ILE A 181 20.79 -13.49 -3.79
N VAL A 182 19.66 -13.88 -3.18
CA VAL A 182 18.41 -14.00 -3.93
C VAL A 182 17.49 -12.88 -3.46
N SER A 183 16.73 -12.31 -4.39
CA SER A 183 15.74 -11.27 -4.10
C SER A 183 14.43 -11.61 -4.82
N SER A 184 13.32 -11.14 -4.25
CA SER A 184 12.00 -11.35 -4.85
C SER A 184 11.28 -10.02 -4.91
N SER A 185 10.38 -9.88 -5.88
CA SER A 185 9.76 -8.58 -6.10
C SER A 185 8.33 -8.74 -6.59
N TYR A 186 7.53 -7.69 -6.33
CA TYR A 186 6.23 -7.55 -6.96
C TYR A 186 6.30 -7.53 -8.47
N ASP A 187 7.49 -7.30 -9.06
CA ASP A 187 7.59 -7.40 -10.52
C ASP A 187 7.46 -8.84 -11.03
N GLY A 188 7.23 -9.80 -10.14
CA GLY A 188 7.02 -11.17 -10.54
C GLY A 188 8.29 -11.99 -10.70
N LEU A 189 9.46 -11.41 -10.45
CA LEU A 189 10.73 -12.09 -10.67
C LEU A 189 11.40 -12.45 -9.36
N CYS A 190 12.10 -13.57 -9.38
CA CYS A 190 13.20 -13.82 -8.45
C CYS A 190 14.51 -13.59 -9.20
N ARG A 191 15.46 -12.95 -8.53
CA ARG A 191 16.75 -12.70 -9.14
C ARG A 191 17.87 -13.14 -8.21
N ILE A 192 18.94 -13.70 -8.78
CA ILE A 192 20.13 -14.11 -8.03
C ILE A 192 21.25 -13.15 -8.37
N TRP A 193 21.98 -12.71 -7.35
CA TRP A 193 23.05 -11.75 -7.50
C TRP A 193 24.37 -12.32 -7.00
N ASP A 194 25.44 -12.03 -7.74
CA ASP A 194 26.79 -12.31 -7.28
C ASP A 194 27.17 -11.27 -6.23
N THR A 195 27.37 -11.72 -4.98
CA THR A 195 27.62 -10.78 -3.89
C THR A 195 28.81 -9.88 -4.21
N ALA A 196 29.91 -10.48 -4.66
CA ALA A 196 31.14 -9.70 -4.85
C ALA A 196 30.96 -8.66 -5.95
N SER A 197 30.46 -9.08 -7.12
CA SER A 197 30.40 -8.20 -8.27
C SER A 197 29.11 -7.39 -8.34
N GLY A 198 28.02 -7.87 -7.73
CA GLY A 198 26.74 -7.22 -7.91
C GLY A 198 26.02 -7.56 -9.18
N GLN A 199 26.60 -8.42 -10.01
CA GLN A 199 25.98 -8.79 -11.28
C GLN A 199 24.81 -9.75 -11.02
N CYS A 200 23.70 -9.50 -11.68
CA CYS A 200 22.62 -10.47 -11.69
C CYS A 200 23.06 -11.73 -12.43
N LEU A 201 22.93 -12.87 -11.77
CA LEU A 201 23.35 -14.15 -12.33
C LEU A 201 22.18 -15.04 -12.73
N LYS A 202 20.95 -14.70 -12.36
CA LYS A 202 19.81 -15.51 -12.75
C LYS A 202 18.55 -14.68 -12.60
N THR A 203 17.60 -14.87 -13.52
CA THR A 203 16.26 -14.33 -13.38
C THR A 203 15.32 -15.52 -13.49
N LEU A 204 14.55 -15.77 -12.43
CA LEU A 204 13.62 -16.89 -12.38
C LEU A 204 12.22 -16.36 -12.64
N ILE A 205 11.56 -16.92 -13.64
CA ILE A 205 10.15 -16.64 -13.90
C ILE A 205 9.56 -17.93 -14.44
N ASP A 206 8.31 -18.22 -14.10
CA ASP A 206 7.69 -19.44 -14.63
C ASP A 206 6.61 -19.11 -15.65
N ASP A 207 5.46 -19.77 -15.57
CA ASP A 207 4.40 -19.65 -16.58
C ASP A 207 3.65 -18.33 -16.50
N ASP A 208 3.65 -17.68 -15.34
CA ASP A 208 3.03 -16.38 -15.16
C ASP A 208 3.95 -15.56 -14.26
N ASN A 209 3.59 -14.30 -14.02
CA ASN A 209 4.37 -13.45 -13.12
C ASN A 209 3.51 -12.71 -12.09
N PRO A 210 2.74 -13.44 -11.28
CA PRO A 210 2.18 -12.84 -10.08
C PRO A 210 3.29 -12.30 -9.19
N PRO A 211 3.01 -11.30 -8.38
CA PRO A 211 4.01 -10.80 -7.43
C PRO A 211 4.68 -11.92 -6.65
N VAL A 212 6.01 -11.86 -6.55
CA VAL A 212 6.76 -12.79 -5.72
C VAL A 212 6.88 -12.14 -4.34
N SER A 213 6.15 -12.68 -3.37
CA SER A 213 5.97 -12.08 -2.05
C SER A 213 6.99 -12.55 -1.03
N PHE A 214 7.75 -13.59 -1.36
CA PHE A 214 8.76 -14.12 -0.45
C PHE A 214 9.71 -15.02 -1.22
N VAL A 215 10.96 -15.07 -0.77
CA VAL A 215 11.91 -16.04 -1.31
C VAL A 215 13.03 -16.23 -0.30
N LYS A 216 13.65 -17.42 -0.34
CA LYS A 216 14.86 -17.69 0.42
C LYS A 216 15.52 -18.96 -0.12
N PHE A 217 16.84 -19.05 0.09
CA PHE A 217 17.61 -20.26 -0.24
C PHE A 217 17.27 -21.40 0.71
N SER A 218 17.25 -22.62 0.16
CA SER A 218 17.18 -23.81 1.01
C SER A 218 18.43 -23.95 1.89
N PRO A 219 18.32 -24.70 3.00
CA PRO A 219 19.48 -24.88 3.88
C PRO A 219 20.73 -25.39 3.18
N ASN A 220 20.61 -26.30 2.21
CA ASN A 220 21.76 -26.80 1.48
C ASN A 220 22.18 -25.89 0.31
N GLY A 221 21.53 -24.74 0.14
CA GLY A 221 21.91 -23.79 -0.90
C GLY A 221 21.51 -24.16 -2.30
N LYS A 222 21.00 -25.38 -2.53
CA LYS A 222 20.73 -25.86 -3.89
C LYS A 222 19.41 -25.34 -4.46
N TYR A 223 18.46 -24.98 -3.62
CA TYR A 223 17.13 -24.62 -4.07
C TYR A 223 16.74 -23.24 -3.55
N ILE A 224 15.66 -22.71 -4.11
CA ILE A 224 15.01 -21.56 -3.52
C ILE A 224 13.55 -21.92 -3.31
N LEU A 225 12.97 -21.32 -2.29
CA LEU A 225 11.55 -21.44 -1.98
C LEU A 225 10.92 -20.06 -2.20
N ALA A 226 9.94 -19.98 -3.10
CA ALA A 226 9.38 -18.68 -3.45
C ALA A 226 7.87 -18.70 -3.29
N ALA A 227 7.33 -17.66 -2.68
CA ALA A 227 5.89 -17.51 -2.56
C ALA A 227 5.41 -16.49 -3.57
N THR A 228 4.27 -16.76 -4.20
CA THR A 228 3.63 -15.79 -5.08
C THR A 228 2.21 -15.50 -4.58
N LEU A 229 1.71 -14.29 -4.88
CA LEU A 229 0.40 -13.87 -4.40
C LEU A 229 -0.74 -14.50 -5.19
N ASP A 230 -0.55 -15.75 -5.61
CA ASP A 230 -1.59 -16.58 -6.18
C ASP A 230 -1.81 -17.83 -5.33
N ASN A 231 -1.58 -17.70 -4.02
CA ASN A 231 -1.76 -18.82 -3.07
C ASN A 231 -0.82 -19.98 -3.37
N THR A 232 0.42 -19.70 -3.72
CA THR A 232 1.31 -20.77 -4.14
C THR A 232 2.72 -20.60 -3.60
N LEU A 233 3.30 -21.71 -3.15
CA LEU A 233 4.72 -21.79 -2.85
CA LEU A 233 4.71 -21.81 -2.84
C LEU A 233 5.38 -22.72 -3.86
N LYS A 234 6.60 -22.39 -4.25
CA LYS A 234 7.28 -23.18 -5.25
C LYS A 234 8.72 -23.40 -4.83
N LEU A 235 9.17 -24.65 -4.93
CA LEU A 235 10.57 -25.00 -4.76
C LEU A 235 11.26 -25.07 -6.12
N TRP A 236 12.35 -24.34 -6.26
CA TRP A 236 12.99 -24.07 -7.54
C TRP A 236 14.41 -24.62 -7.53
N ASP A 237 14.76 -25.35 -8.58
CA ASP A 237 16.17 -25.54 -8.93
C ASP A 237 16.58 -24.30 -9.71
N TYR A 238 17.19 -23.33 -9.02
CA TYR A 238 17.47 -22.06 -9.68
C TYR A 238 18.65 -22.18 -10.65
N SER A 239 19.56 -23.11 -10.43
CA SER A 239 20.55 -23.41 -11.46
C SER A 239 19.87 -23.77 -12.78
N LYS A 240 19.04 -24.82 -12.75
CA LYS A 240 18.38 -25.28 -13.96
C LYS A 240 17.13 -24.48 -14.30
N GLY A 241 16.75 -23.50 -13.48
CA GLY A 241 15.50 -22.77 -13.71
C GLY A 241 14.27 -23.65 -13.78
N LYS A 242 14.20 -24.67 -12.92
CA LYS A 242 13.09 -25.60 -12.92
C LYS A 242 12.37 -25.53 -11.58
N CYS A 243 11.05 -25.53 -11.65
CA CYS A 243 10.24 -25.67 -10.44
C CYS A 243 10.09 -27.15 -10.14
N LEU A 244 10.57 -27.58 -8.97
CA LEU A 244 10.55 -28.98 -8.56
C LEU A 244 9.32 -29.36 -7.74
N LYS A 245 8.81 -28.44 -6.92
CA LYS A 245 7.70 -28.74 -6.03
C LYS A 245 6.78 -27.53 -5.97
N THR A 246 5.49 -27.80 -5.83
CA THR A 246 4.46 -26.78 -5.69
C THR A 246 3.62 -27.11 -4.47
N TYR A 247 3.43 -26.14 -3.57
CA TYR A 247 2.64 -26.33 -2.36
C TYR A 247 1.47 -25.36 -2.39
N THR A 248 0.26 -25.88 -2.14
CA THR A 248 -0.95 -25.09 -2.17
C THR A 248 -1.86 -25.56 -1.04
N GLY A 249 -3.04 -24.94 -0.98
CA GLY A 249 -4.03 -25.17 0.05
C GLY A 249 -4.24 -23.99 0.99
N HIS A 250 -3.20 -23.15 1.17
CA HIS A 250 -3.32 -21.99 2.05
C HIS A 250 -3.86 -20.78 1.28
N LYS A 251 -4.02 -19.65 1.98
CA LYS A 251 -4.47 -18.39 1.40
C LYS A 251 -3.31 -17.39 1.39
N ASN A 252 -2.97 -16.89 0.22
CA ASN A 252 -1.91 -15.89 0.16
C ASN A 252 -2.07 -15.12 -1.15
N GLU A 253 -2.85 -14.06 -1.09
CA GLU A 253 -3.05 -13.16 -2.21
C GLU A 253 -2.71 -11.72 -1.87
N LYS A 254 -2.39 -11.41 -0.64
CA LYS A 254 -2.19 -10.01 -0.36
C LYS A 254 -0.91 -9.69 0.39
N TYR A 255 -0.58 -10.47 1.43
CA TYR A 255 0.52 -10.15 2.32
C TYR A 255 1.79 -10.89 1.96
N CYS A 256 2.92 -10.29 2.33
CA CYS A 256 4.20 -10.92 2.11
C CYS A 256 4.51 -11.81 3.31
N ILE A 257 4.09 -13.05 3.20
CA ILE A 257 4.18 -14.05 4.26
C ILE A 257 5.51 -14.79 4.14
N PHE A 258 6.23 -14.86 5.25
CA PHE A 258 7.51 -15.54 5.34
C PHE A 258 7.30 -17.04 5.47
N ALA A 259 8.09 -17.83 4.73
CA ALA A 259 8.00 -19.28 4.78
C ALA A 259 9.36 -19.85 5.17
N ASN A 260 9.39 -21.16 5.43
CA ASN A 260 10.61 -21.78 5.92
C ASN A 260 10.70 -23.23 5.52
N PHE A 261 11.94 -23.72 5.48
CA PHE A 261 12.24 -25.14 5.53
C PHE A 261 12.35 -25.57 6.98
N SER A 262 11.61 -26.59 7.36
CA SER A 262 11.79 -27.19 8.67
C SER A 262 12.62 -28.45 8.50
N VAL A 263 13.78 -28.48 9.15
CA VAL A 263 14.75 -29.56 8.96
C VAL A 263 15.17 -30.25 10.25
N THR A 264 14.70 -29.79 11.42
CA THR A 264 15.18 -30.41 12.65
C THR A 264 14.66 -31.82 12.83
N GLY A 265 13.46 -32.11 12.30
CA GLY A 265 12.86 -33.42 12.40
C GLY A 265 12.51 -33.94 11.02
N GLY A 266 11.22 -34.14 10.76
CA GLY A 266 10.77 -34.33 9.40
C GLY A 266 11.14 -33.15 8.51
N LYS A 267 11.12 -33.39 7.20
CA LYS A 267 11.47 -32.35 6.23
C LYS A 267 10.17 -31.71 5.79
N TRP A 268 9.87 -30.53 6.34
CA TRP A 268 8.61 -29.85 6.07
C TRP A 268 8.87 -28.51 5.40
N ILE A 269 7.81 -27.99 4.81
CA ILE A 269 7.69 -26.61 4.41
C ILE A 269 6.66 -25.98 5.34
N VAL A 270 6.97 -24.79 5.84
CA VAL A 270 6.13 -24.12 6.83
C VAL A 270 5.82 -22.73 6.33
N SER A 271 4.55 -22.32 6.40
CA SER A 271 4.24 -20.94 6.06
C SER A 271 2.99 -20.52 6.81
N GLY A 272 2.90 -19.20 7.06
CA GLY A 272 1.65 -18.59 7.46
C GLY A 272 0.69 -18.56 6.29
N SER A 273 -0.47 -17.96 6.54
CA SER A 273 -1.61 -18.06 5.66
C SER A 273 -2.61 -16.97 6.04
N GLU A 274 -3.30 -16.44 5.05
CA GLU A 274 -4.23 -15.35 5.29
C GLU A 274 -5.57 -15.83 5.87
N ASP A 275 -5.76 -17.13 6.03
CA ASP A 275 -6.86 -17.67 6.83
C ASP A 275 -6.46 -17.91 8.28
N ASN A 276 -5.35 -17.31 8.73
CA ASN A 276 -4.94 -17.26 10.14
C ASN A 276 -4.36 -18.57 10.65
N LEU A 277 -3.99 -19.50 9.76
CA LEU A 277 -3.42 -20.77 10.13
C LEU A 277 -1.95 -20.82 9.76
N VAL A 278 -1.17 -21.61 10.50
CA VAL A 278 0.12 -22.06 10.04
C VAL A 278 -0.09 -23.34 9.23
N TYR A 279 0.47 -23.38 8.02
CA TYR A 279 0.41 -24.57 7.18
C TYR A 279 1.75 -25.27 7.23
N ILE A 280 1.71 -26.59 7.25
CA ILE A 280 2.92 -27.39 7.18
C ILE A 280 2.70 -28.44 6.10
N TRP A 281 3.65 -28.54 5.17
CA TRP A 281 3.59 -29.47 4.07
C TRP A 281 4.75 -30.45 4.17
N ASN A 282 4.51 -31.66 3.67
CA ASN A 282 5.59 -32.59 3.38
C ASN A 282 6.41 -32.07 2.21
N LEU A 283 7.71 -31.83 2.41
CA LEU A 283 8.49 -31.19 1.35
C LEU A 283 8.51 -32.07 0.10
N GLN A 284 8.70 -33.37 0.26
CA GLN A 284 8.83 -34.25 -0.89
C GLN A 284 7.50 -34.51 -1.57
N THR A 285 6.45 -34.74 -0.80
CA THR A 285 5.17 -35.13 -1.38
C THR A 285 4.19 -33.98 -1.59
N LYS A 286 4.47 -32.81 -1.02
CA LYS A 286 3.65 -31.61 -1.24
C LYS A 286 2.29 -31.69 -0.58
N GLU A 287 1.98 -32.74 0.15
CA GLU A 287 0.69 -32.77 0.82
C GLU A 287 0.76 -32.01 2.15
N ILE A 288 -0.36 -31.40 2.51
CA ILE A 288 -0.46 -30.69 3.78
C ILE A 288 -0.43 -31.72 4.92
N VAL A 289 0.54 -31.58 5.83
CA VAL A 289 0.61 -32.53 6.94
C VAL A 289 0.09 -31.97 8.27
N GLN A 290 -0.01 -30.65 8.41
CA GLN A 290 -0.63 -30.09 9.61
C GLN A 290 -1.02 -28.65 9.35
N LYS A 291 -2.11 -28.24 10.00
CA LYS A 291 -2.55 -26.86 10.02
C LYS A 291 -2.75 -26.44 11.47
N LEU A 292 -2.05 -25.38 11.89
CA LEU A 292 -1.99 -24.96 13.29
C LEU A 292 -2.96 -23.82 13.50
N GLN A 293 -3.94 -24.03 14.38
CA GLN A 293 -4.99 -23.05 14.60
C GLN A 293 -4.80 -22.32 15.93
N GLY A 294 -5.18 -21.05 15.96
CA GLY A 294 -5.02 -20.28 17.17
C GLY A 294 -4.97 -18.79 16.94
N HIS A 295 -4.25 -18.37 15.89
CA HIS A 295 -4.15 -16.95 15.64
C HIS A 295 -5.51 -16.39 15.22
N THR A 296 -5.65 -15.08 15.37
CA THR A 296 -6.90 -14.41 15.03
C THR A 296 -6.73 -13.41 13.89
N ASP A 297 -5.59 -13.44 13.20
CA ASP A 297 -5.35 -12.55 12.07
C ASP A 297 -4.27 -13.21 11.21
N VAL A 298 -4.00 -12.61 10.07
CA VAL A 298 -3.07 -13.20 9.11
C VAL A 298 -1.81 -13.63 9.85
N VAL A 299 -1.40 -14.87 9.64
CA VAL A 299 -0.11 -15.33 10.13
C VAL A 299 0.92 -14.92 9.08
N ILE A 300 1.59 -13.78 9.32
CA ILE A 300 2.47 -13.22 8.31
C ILE A 300 3.92 -13.65 8.49
N SER A 301 4.28 -14.24 9.64
CA SER A 301 5.66 -14.64 9.86
C SER A 301 5.67 -15.97 10.60
N THR A 302 6.59 -16.84 10.17
CA THR A 302 6.90 -18.09 10.86
C THR A 302 8.42 -18.24 10.85
N ALA A 303 8.90 -19.02 11.81
CA ALA A 303 10.31 -19.30 11.96
C ALA A 303 10.46 -20.69 12.56
N CYS A 304 11.52 -21.38 12.18
CA CYS A 304 11.79 -22.73 12.68
C CYS A 304 13.04 -22.71 13.56
N HIS A 305 12.95 -23.36 14.70
CA HIS A 305 14.06 -23.32 15.63
C HIS A 305 15.27 -24.06 15.03
N PRO A 306 16.49 -23.58 15.32
CA PRO A 306 17.67 -24.12 14.62
C PRO A 306 18.01 -25.56 14.99
N THR A 307 17.52 -26.08 16.13
CA THR A 307 17.87 -27.44 16.54
C THR A 307 16.70 -28.26 17.07
N GLU A 308 15.69 -27.67 17.68
CA GLU A 308 14.52 -28.39 18.15
C GLU A 308 13.35 -28.20 17.20
N ASN A 309 12.39 -29.12 17.28
CA ASN A 309 11.17 -29.02 16.45
C ASN A 309 10.24 -27.98 17.09
N ILE A 310 10.64 -26.72 16.98
CA ILE A 310 9.87 -25.61 17.53
C ILE A 310 9.60 -24.63 16.41
N ILE A 311 8.35 -24.16 16.34
CA ILE A 311 7.92 -23.17 15.36
C ILE A 311 7.42 -21.93 16.10
N ALA A 312 7.84 -20.76 15.64
CA ALA A 312 7.23 -19.50 16.05
C ALA A 312 6.37 -18.95 14.92
N SER A 313 5.18 -18.49 15.26
CA SER A 313 4.34 -17.76 14.32
C SER A 313 3.98 -16.39 14.89
N ALA A 314 3.77 -15.43 13.99
CA ALA A 314 3.35 -14.09 14.40
C ALA A 314 2.26 -13.59 13.47
N ALA A 315 1.33 -12.81 14.03
CA ALA A 315 0.11 -12.40 13.32
C ALA A 315 -0.04 -10.88 13.32
N LEU A 316 -0.94 -10.42 12.45
CA LEU A 316 -1.12 -8.99 12.15
C LEU A 316 -1.93 -8.24 13.21
N GLU A 317 -2.39 -7.04 12.83
CA GLU A 317 -2.86 -6.02 13.76
C GLU A 317 -3.98 -6.51 14.67
N ASN A 318 -4.85 -7.41 14.20
CA ASN A 318 -5.99 -7.88 14.99
C ASN A 318 -5.65 -9.12 15.83
N ASP A 319 -4.36 -9.41 15.99
CA ASP A 319 -3.94 -10.54 16.82
C ASP A 319 -2.85 -10.02 17.76
N LYS A 320 -1.75 -9.51 17.19
CA LYS A 320 -0.65 -8.87 17.92
C LYS A 320 0.17 -9.82 18.77
N THR A 321 -0.04 -11.12 18.67
CA THR A 321 0.69 -12.08 19.48
C THR A 321 1.60 -12.97 18.63
N ILE A 322 2.63 -13.48 19.30
CA ILE A 322 3.52 -14.51 18.78
C ILE A 322 3.12 -15.82 19.44
N LYS A 323 3.27 -16.92 18.71
CA LYS A 323 2.96 -18.22 19.29
C LYS A 323 4.10 -19.20 19.06
N LEU A 324 4.36 -20.02 20.08
CA LEU A 324 5.42 -21.00 20.03
C LEU A 324 4.78 -22.38 20.07
N TRP A 325 5.21 -23.25 19.15
CA TRP A 325 4.63 -24.58 18.97
C TRP A 325 5.76 -25.60 18.96
N LYS A 326 5.47 -26.78 19.49
CA LYS A 326 6.48 -27.80 19.64
C LYS A 326 5.92 -29.12 19.15
N SER A 327 6.77 -29.88 18.45
CA SER A 327 6.39 -31.15 17.85
C SER A 327 7.39 -32.22 18.22
N ASP A 328 6.93 -33.48 18.25
CA ASP A 328 7.81 -34.59 18.56
C ASP A 328 8.67 -35.01 17.36
N CYS A 329 8.30 -34.60 16.14
CA CYS A 329 9.07 -34.97 14.95
C CYS A 329 9.06 -33.84 13.92
N ALA B 27 -34.52 15.58 2.47
CA ALA B 27 -33.84 16.23 1.34
C ALA B 27 -33.09 15.21 0.49
N PHE B 28 -32.76 14.07 1.11
CA PHE B 28 -32.07 12.97 0.43
C PHE B 28 -32.83 11.68 0.75
N ARG B 29 -33.70 11.28 -0.19
CA ARG B 29 -34.52 10.10 0.00
C ARG B 29 -33.79 8.88 -0.54
N PRO B 30 -33.57 7.85 0.27
CA PRO B 30 -32.95 6.62 -0.24
C PRO B 30 -33.74 6.07 -1.41
N ILE B 31 -33.04 5.72 -2.48
CA ILE B 31 -33.64 5.23 -3.71
C ILE B 31 -33.19 3.80 -4.03
N SER B 32 -31.94 3.47 -3.73
CA SER B 32 -31.37 2.20 -4.09
C SER B 32 -30.12 1.97 -3.25
N VAL B 33 -29.77 0.70 -3.07
CA VAL B 33 -28.53 0.34 -2.38
C VAL B 33 -28.01 -0.93 -3.01
N PHE B 34 -26.68 -1.06 -3.07
CA PHE B 34 -26.11 -2.29 -3.58
C PHE B 34 -24.67 -2.43 -3.11
N ARG B 35 -24.24 -3.67 -2.96
CA ARG B 35 -22.87 -3.99 -2.60
C ARG B 35 -22.19 -4.62 -3.80
N GLU B 36 -20.88 -4.86 -3.68
CA GLU B 36 -20.14 -5.38 -4.82
C GLU B 36 -20.50 -6.84 -5.05
N ALA B 37 -20.74 -7.19 -6.31
CA ALA B 37 -21.10 -8.56 -6.63
C ALA B 37 -19.89 -9.48 -6.53
N ASN B 38 -20.12 -10.72 -6.08
CA ASN B 38 -19.10 -11.77 -6.14
C ASN B 38 -17.92 -11.47 -5.22
N GLU B 39 -18.18 -11.00 -4.01
CA GLU B 39 -17.09 -10.65 -3.12
C GLU B 39 -17.51 -10.85 -1.67
N ASP B 40 -16.69 -11.57 -0.90
CA ASP B 40 -16.96 -11.73 0.52
C ASP B 40 -17.22 -10.38 1.17
N GLU B 41 -16.23 -9.50 1.14
CA GLU B 41 -16.35 -8.15 1.62
C GLU B 41 -16.43 -7.23 0.41
N SER B 42 -17.40 -6.33 0.42
CA SER B 42 -17.64 -5.46 -0.73
C SER B 42 -16.57 -4.37 -0.77
N GLY B 43 -15.97 -4.16 -1.93
CA GLY B 43 -14.80 -3.29 -1.99
C GLY B 43 -14.88 -2.01 -2.79
N PHE B 44 -16.08 -1.45 -2.96
CA PHE B 44 -16.23 -0.15 -3.61
C PHE B 44 -15.42 0.92 -2.88
N THR B 45 -14.66 1.75 -3.62
CA THR B 45 -13.93 2.85 -2.98
C THR B 45 -14.26 4.24 -3.52
N CYS B 46 -14.73 4.37 -4.75
CA CYS B 46 -14.98 5.68 -5.30
C CYS B 46 -15.97 5.51 -6.45
N CYS B 47 -16.61 6.62 -6.85
CA CYS B 47 -17.64 6.52 -7.87
C CYS B 47 -17.74 7.81 -8.65
N ALA B 48 -18.27 7.67 -9.86
CA ALA B 48 -18.73 8.77 -10.71
C ALA B 48 -19.78 8.19 -11.65
N PHE B 49 -20.82 8.95 -11.95
CA PHE B 49 -21.75 8.48 -12.97
C PHE B 49 -21.06 8.45 -14.32
N SER B 50 -21.43 7.49 -15.13
CA SER B 50 -20.93 7.53 -16.50
C SER B 50 -21.87 8.37 -17.37
N ALA B 51 -21.42 8.63 -18.60
CA ALA B 51 -22.26 9.33 -19.57
C ALA B 51 -23.58 8.58 -19.79
N ARG B 52 -23.45 7.27 -19.92
CA ARG B 52 -24.62 6.38 -20.09
C ARG B 52 -25.39 6.36 -18.77
N GLU B 53 -26.50 7.07 -18.76
CA GLU B 53 -27.29 7.15 -17.51
C GLU B 53 -27.82 6.58 -16.19
N ARG B 54 -27.99 5.26 -16.15
CA ARG B 54 -28.52 4.56 -14.99
C ARG B 54 -27.28 3.78 -14.54
N PHE B 55 -26.11 4.15 -15.06
CA PHE B 55 -24.86 3.39 -14.78
C PHE B 55 -23.85 4.23 -14.03
N LEU B 56 -23.26 3.64 -13.00
CA LEU B 56 -22.25 4.32 -12.19
C LEU B 56 -20.94 3.54 -12.28
N MET B 57 -19.85 4.26 -12.47
CA MET B 57 -18.54 3.62 -12.45
C MET B 57 -18.01 3.63 -11.02
N LEU B 58 -17.52 2.48 -10.57
CA LEU B 58 -16.95 2.39 -9.24
C LEU B 58 -15.56 1.81 -9.31
N GLY B 59 -14.63 2.42 -8.58
CA GLY B 59 -13.35 1.79 -8.31
C GLY B 59 -13.45 0.88 -7.12
N THR B 60 -12.54 -0.10 -7.03
CA THR B 60 -12.54 -1.02 -5.91
C THR B 60 -11.15 -1.12 -5.27
N CYS B 61 -11.12 -1.73 -4.09
CA CYS B 61 -9.89 -1.87 -3.33
C CYS B 61 -8.92 -2.85 -3.98
N THR B 62 -9.32 -3.56 -5.03
CA THR B 62 -8.40 -4.46 -5.74
C THR B 62 -7.93 -3.88 -7.06
N GLY B 63 -8.12 -2.59 -7.28
CA GLY B 63 -7.64 -1.98 -8.51
C GLY B 63 -8.54 -2.18 -9.72
N GLN B 64 -9.77 -2.63 -9.50
CA GLN B 64 -10.70 -2.85 -10.58
C GLN B 64 -11.62 -1.66 -10.77
N LEU B 65 -12.02 -1.45 -12.00
CA LEU B 65 -13.09 -0.52 -12.36
C LEU B 65 -14.32 -1.30 -12.75
N LYS B 66 -15.46 -0.97 -12.14
CA LYS B 66 -16.70 -1.69 -12.42
C LYS B 66 -17.81 -0.73 -12.79
N LEU B 67 -18.67 -1.19 -13.70
CA LEU B 67 -19.87 -0.47 -14.12
C LEU B 67 -21.07 -1.17 -13.52
N TYR B 68 -21.94 -0.42 -12.86
CA TYR B 68 -23.09 -0.96 -12.16
C TYR B 68 -24.33 -0.18 -12.57
N ASN B 69 -25.42 -0.91 -12.74
CA ASN B 69 -26.74 -0.29 -12.84
C ASN B 69 -27.15 0.19 -11.47
N VAL B 70 -27.29 1.51 -11.30
CA VAL B 70 -27.50 2.02 -9.95
C VAL B 70 -28.85 1.62 -9.37
N PHE B 71 -29.83 1.29 -10.22
CA PHE B 71 -31.17 0.99 -9.72
C PHE B 71 -31.37 -0.48 -9.36
N SER B 72 -30.89 -1.40 -10.21
CA SER B 72 -30.97 -2.82 -9.89
C SER B 72 -29.82 -3.30 -9.04
N GLY B 73 -28.67 -2.65 -9.12
CA GLY B 73 -27.48 -3.16 -8.48
C GLY B 73 -26.71 -4.18 -9.29
N GLN B 74 -27.05 -4.32 -10.58
CA GLN B 74 -26.40 -5.29 -11.44
C GLN B 74 -25.03 -4.81 -11.88
N GLU B 75 -24.02 -5.61 -11.63
CA GLU B 75 -22.70 -5.38 -12.22
C GLU B 75 -22.76 -5.58 -13.73
N GLU B 76 -22.36 -4.57 -14.49
CA GLU B 76 -22.46 -4.60 -15.94
C GLU B 76 -21.15 -4.86 -16.64
N ALA B 77 -20.03 -4.52 -16.01
CA ALA B 77 -18.72 -4.70 -16.63
C ALA B 77 -17.68 -4.57 -15.53
N SER B 78 -16.50 -5.11 -15.80
CA SER B 78 -15.40 -5.13 -14.85
C SER B 78 -14.10 -5.10 -15.62
N TYR B 79 -13.20 -4.22 -15.23
CA TYR B 79 -11.89 -4.09 -15.86
C TYR B 79 -10.84 -4.01 -14.78
N ASN B 80 -9.69 -4.63 -15.01
CA ASN B 80 -8.58 -4.51 -14.10
C ASN B 80 -7.74 -3.31 -14.52
N CYS B 81 -7.66 -2.31 -13.66
CA CYS B 81 -6.96 -1.07 -13.99
C CYS B 81 -5.63 -0.91 -13.29
N HIS B 82 -5.52 -1.25 -12.03
CA HIS B 82 -4.29 -1.02 -11.28
C HIS B 82 -4.02 -2.21 -10.39
N ASN B 83 -2.77 -2.30 -9.94
CA ASN B 83 -2.32 -3.33 -9.01
C ASN B 83 -2.40 -2.87 -7.57
N SER B 84 -3.23 -1.87 -7.27
CA SER B 84 -3.54 -1.50 -5.90
C SER B 84 -4.90 -0.83 -5.90
N ALA B 85 -5.38 -0.47 -4.72
CA ALA B 85 -6.75 0.02 -4.61
C ALA B 85 -6.93 1.33 -5.38
N ILE B 86 -8.06 1.44 -6.08
CA ILE B 86 -8.41 2.70 -6.72
CA ILE B 86 -8.41 2.70 -6.72
C ILE B 86 -8.78 3.70 -5.64
N THR B 87 -8.20 4.89 -5.72
CA THR B 87 -8.53 5.94 -4.75
C THR B 87 -9.51 6.96 -5.32
N HIS B 88 -9.45 7.20 -6.63
CA HIS B 88 -10.21 8.30 -7.19
C HIS B 88 -10.27 8.11 -8.70
N LEU B 89 -11.36 8.57 -9.31
CA LEU B 89 -11.52 8.45 -10.75
C LEU B 89 -12.35 9.61 -11.27
N GLU B 90 -12.24 9.85 -12.57
CA GLU B 90 -12.97 10.96 -13.19
C GLU B 90 -13.22 10.65 -14.65
N PRO B 91 -14.47 10.55 -15.09
CA PRO B 91 -14.75 10.40 -16.52
C PRO B 91 -14.74 11.76 -17.20
N SER B 92 -14.39 11.75 -18.48
CA SER B 92 -14.50 12.97 -19.29
C SER B 92 -15.97 13.25 -19.59
N ARG B 93 -16.29 14.53 -19.83
CA ARG B 93 -17.70 14.88 -20.05
C ARG B 93 -18.28 14.21 -21.29
N ASP B 94 -17.47 13.94 -22.29
CA ASP B 94 -17.98 13.34 -23.52
C ASP B 94 -18.02 11.82 -23.49
N GLY B 95 -17.68 11.18 -22.37
CA GLY B 95 -17.77 9.74 -22.25
C GLY B 95 -16.68 8.93 -22.92
N SER B 96 -15.71 9.57 -23.55
CA SER B 96 -14.70 8.83 -24.29
C SER B 96 -13.48 8.46 -23.45
N LEU B 97 -13.29 9.07 -22.29
CA LEU B 97 -12.03 8.95 -21.55
C LEU B 97 -12.28 8.83 -20.06
N LEU B 98 -11.33 8.22 -19.37
CA LEU B 98 -11.42 8.04 -17.93
C LEU B 98 -10.04 8.16 -17.30
N LEU B 99 -9.97 8.92 -16.20
CA LEU B 99 -8.78 8.96 -15.36
C LEU B 99 -9.00 8.07 -14.14
N THR B 100 -7.95 7.36 -13.75
CA THR B 100 -7.96 6.61 -12.51
C THR B 100 -6.68 6.91 -11.74
N SER B 101 -6.78 6.80 -10.42
CA SER B 101 -5.62 6.83 -9.55
C SER B 101 -5.70 5.64 -8.61
N ALA B 102 -4.55 5.05 -8.31
CA ALA B 102 -4.45 3.91 -7.42
C ALA B 102 -3.82 4.36 -6.09
N THR B 103 -3.20 3.44 -5.37
CA THR B 103 -2.74 3.74 -4.02
C THR B 103 -1.21 3.80 -3.93
N TRP B 104 -0.52 2.72 -4.29
CA TRP B 104 0.93 2.68 -4.18
C TRP B 104 1.61 2.12 -5.41
N SER B 105 0.89 1.42 -6.29
CA SER B 105 1.50 0.70 -7.39
C SER B 105 1.65 1.62 -8.60
N GLN B 106 2.73 1.41 -9.34
CA GLN B 106 2.94 2.22 -10.54
C GLN B 106 2.44 1.47 -11.76
N PRO B 107 1.85 2.17 -12.72
CA PRO B 107 1.62 3.63 -12.73
C PRO B 107 0.56 4.05 -11.70
N LEU B 108 0.80 5.13 -10.93
CA LEU B 108 -0.16 5.56 -9.92
C LEU B 108 -1.47 6.07 -10.53
N SER B 109 -1.42 6.65 -11.72
CA SER B 109 -2.62 7.13 -12.38
C SER B 109 -2.57 6.74 -13.85
N ALA B 110 -3.75 6.63 -14.46
CA ALA B 110 -3.83 6.25 -15.86
C ALA B 110 -5.00 6.96 -16.53
N LEU B 111 -4.92 7.06 -17.85
CA LEU B 111 -5.97 7.54 -18.73
C LEU B 111 -6.44 6.39 -19.61
N TRP B 112 -7.74 6.13 -19.60
CA TRP B 112 -8.33 5.00 -20.30
C TRP B 112 -9.25 5.45 -21.42
N GLY B 113 -9.15 4.77 -22.56
CA GLY B 113 -10.09 4.99 -23.65
C GLY B 113 -11.31 4.14 -23.41
N MET B 114 -12.47 4.78 -23.47
CA MET B 114 -13.71 4.06 -23.22
C MET B 114 -14.50 3.76 -24.48
N LYS B 115 -14.29 4.51 -25.56
CA LYS B 115 -14.88 4.17 -26.85
C LYS B 115 -14.46 2.76 -27.26
N SER B 116 -15.42 1.98 -27.75
CA SER B 116 -15.19 0.58 -28.10
C SER B 116 -14.48 -0.17 -26.98
N VAL B 117 -13.30 -0.74 -27.27
CA VAL B 117 -12.58 -1.54 -26.30
C VAL B 117 -11.99 -0.64 -25.22
N PHE B 118 -12.33 -0.94 -23.96
CA PHE B 118 -11.69 -0.31 -22.82
C PHE B 118 -10.21 -0.63 -22.82
N ASP B 119 -9.36 0.39 -22.95
CA ASP B 119 -7.93 0.14 -22.95
C ASP B 119 -7.19 1.37 -22.44
N MET B 120 -5.95 1.18 -22.01
CA MET B 120 -5.15 2.27 -21.48
C MET B 120 -4.60 3.11 -22.62
N LYS B 121 -4.87 4.41 -22.60
CA LYS B 121 -4.32 5.35 -23.58
C LYS B 121 -2.95 5.86 -23.16
N HIS B 122 -2.82 6.26 -21.89
CA HIS B 122 -1.57 6.80 -21.34
C HIS B 122 -1.51 6.48 -19.86
N SER B 123 -0.31 6.58 -19.31
CA SER B 123 -0.11 6.34 -17.90
C SER B 123 0.74 7.45 -17.31
N PHE B 124 0.47 7.78 -16.05
CA PHE B 124 1.14 8.88 -15.35
C PHE B 124 1.80 8.21 -14.15
N THR B 125 3.06 7.80 -14.30
CA THR B 125 3.53 6.71 -13.45
C THR B 125 3.73 7.12 -12.00
N GLU B 126 4.04 8.39 -11.73
CA GLU B 126 4.30 8.82 -10.36
C GLU B 126 3.25 9.79 -9.81
N ASP B 127 2.18 10.07 -10.54
CA ASP B 127 1.18 11.04 -10.10
C ASP B 127 0.12 10.31 -9.27
N HIS B 128 0.07 10.60 -7.97
CA HIS B 128 -0.91 9.99 -7.07
C HIS B 128 -2.33 10.46 -7.34
N TYR B 129 -2.50 11.57 -8.05
CA TYR B 129 -3.82 12.14 -8.26
C TYR B 129 -3.81 12.85 -9.61
N VAL B 130 -4.93 12.78 -10.33
CA VAL B 130 -5.04 13.43 -11.63
C VAL B 130 -6.46 13.97 -11.80
N GLU B 131 -6.57 15.04 -12.60
CA GLU B 131 -7.84 15.60 -13.00
C GLU B 131 -7.75 16.01 -14.45
N PHE B 132 -8.89 16.01 -15.14
CA PHE B 132 -8.98 16.63 -16.45
C PHE B 132 -8.93 18.15 -16.32
N SER B 133 -8.44 18.80 -17.37
CA SER B 133 -8.75 20.22 -17.52
C SER B 133 -10.27 20.38 -17.63
N LYS B 134 -10.74 21.61 -17.48
CA LYS B 134 -12.15 21.86 -17.19
C LYS B 134 -12.94 22.42 -18.37
N HIS B 135 -12.47 23.49 -18.99
CA HIS B 135 -13.20 24.08 -20.10
C HIS B 135 -13.09 23.18 -21.33
N SER B 136 -11.88 23.08 -21.87
CA SER B 136 -11.59 22.14 -22.93
C SER B 136 -10.83 20.98 -22.32
N GLN B 137 -11.41 19.79 -22.33
CA GLN B 137 -10.81 18.64 -21.66
C GLN B 137 -9.77 18.00 -22.58
N ASP B 138 -8.74 18.78 -22.87
CA ASP B 138 -7.67 18.30 -23.72
C ASP B 138 -6.42 18.03 -22.94
N ARG B 139 -6.43 18.21 -21.63
CA ARG B 139 -5.23 18.03 -20.82
C ARG B 139 -5.58 17.34 -19.51
N VAL B 140 -4.54 16.79 -18.87
CA VAL B 140 -4.61 16.16 -17.56
C VAL B 140 -3.63 16.89 -16.65
N ILE B 141 -4.03 17.15 -15.41
CA ILE B 141 -3.11 17.68 -14.42
C ILE B 141 -2.90 16.64 -13.33
N GLY B 142 -1.64 16.28 -13.12
CA GLY B 142 -1.26 15.30 -12.12
C GLY B 142 -0.53 15.95 -10.96
N THR B 143 -0.67 15.34 -9.79
CA THR B 143 0.00 15.78 -8.58
C THR B 143 0.93 14.69 -8.10
N LYS B 144 2.18 15.06 -7.84
CA LYS B 144 3.15 14.18 -7.18
C LYS B 144 3.71 14.97 -6.00
N GLY B 145 3.23 14.67 -4.81
CA GLY B 145 3.61 15.46 -3.65
C GLY B 145 3.33 16.93 -3.89
N ASP B 146 4.37 17.76 -3.79
CA ASP B 146 4.28 19.21 -3.94
C ASP B 146 4.26 19.65 -5.39
N ILE B 147 4.41 18.74 -6.34
CA ILE B 147 4.70 19.10 -7.73
C ILE B 147 3.49 18.80 -8.61
N ALA B 148 3.20 19.71 -9.54
CA ALA B 148 2.14 19.53 -10.51
C ALA B 148 2.73 19.23 -11.88
N HIS B 149 2.09 18.31 -12.60
CA HIS B 149 2.45 17.97 -13.97
C HIS B 149 1.23 18.15 -14.84
N ILE B 150 1.41 18.82 -15.98
CA ILE B 150 0.34 18.99 -16.95
C ILE B 150 0.70 18.19 -18.19
N TYR B 151 -0.23 17.35 -18.64
CA TYR B 151 -0.01 16.45 -19.75
C TYR B 151 -0.98 16.73 -20.88
N ASP B 152 -0.53 16.44 -22.10
CA ASP B 152 -1.42 16.46 -23.26
C ASP B 152 -2.16 15.14 -23.38
N ILE B 153 -3.47 15.21 -23.58
CA ILE B 153 -4.26 13.98 -23.59
C ILE B 153 -3.89 13.12 -24.79
N GLN B 154 -3.66 13.74 -25.96
CA GLN B 154 -3.46 12.94 -27.16
C GLN B 154 -2.08 12.30 -27.18
N THR B 155 -1.03 13.07 -26.95
CA THR B 155 0.32 12.52 -26.93
C THR B 155 0.71 11.92 -25.59
N GLY B 156 0.05 12.31 -24.49
CA GLY B 156 0.51 11.98 -23.17
C GLY B 156 1.76 12.69 -22.73
N ASN B 157 2.32 13.57 -23.57
CA ASN B 157 3.55 14.27 -23.22
C ASN B 157 3.32 15.21 -22.04
N LYS B 158 4.30 15.27 -21.16
CA LYS B 158 4.31 16.29 -20.12
C LYS B 158 4.56 17.65 -20.76
N LEU B 159 3.56 18.53 -20.69
CA LEU B 159 3.68 19.87 -21.25
C LEU B 159 4.37 20.81 -20.27
N LEU B 160 4.09 20.66 -18.98
CA LEU B 160 4.59 21.59 -17.98
C LEU B 160 4.78 20.89 -16.65
N THR B 161 5.83 21.28 -15.94
CA THR B 161 5.96 20.99 -14.52
C THR B 161 5.87 22.32 -13.79
N LEU B 162 5.11 22.36 -12.70
CA LEU B 162 4.93 23.58 -11.93
C LEU B 162 5.36 23.27 -10.51
N PHE B 163 6.42 23.94 -10.07
CA PHE B 163 6.90 23.77 -8.70
C PHE B 163 7.91 24.87 -8.44
N ASN B 164 7.89 25.40 -7.25
CA ASN B 164 8.79 26.46 -6.82
C ASN B 164 9.06 26.25 -5.35
N PRO B 165 10.25 25.76 -4.98
CA PRO B 165 10.47 25.35 -3.58
C PRO B 165 10.47 26.51 -2.61
N ASP B 166 10.70 27.74 -3.07
CA ASP B 166 10.59 28.88 -2.18
C ASP B 166 9.15 29.20 -1.84
N LEU B 167 8.23 28.96 -2.78
CA LEU B 167 6.81 29.25 -2.56
C LEU B 167 6.02 28.05 -2.04
N ALA B 168 6.62 26.87 -1.96
CA ALA B 168 5.87 25.68 -1.59
C ALA B 168 5.28 25.81 -0.20
N ASN B 169 4.05 25.29 -0.03
CA ASN B 169 3.47 25.13 1.28
C ASN B 169 3.61 23.71 1.82
N ASN B 170 4.00 22.75 0.98
CA ASN B 170 4.21 21.38 1.43
C ASN B 170 2.94 20.78 2.02
N TYR B 171 1.78 21.06 1.41
CA TYR B 171 0.55 20.48 1.92
C TYR B 171 0.60 18.96 1.81
N LYS B 172 0.19 18.27 2.88
CA LYS B 172 0.38 16.83 2.91
C LYS B 172 -0.57 16.12 1.96
N ARG B 173 -1.76 16.68 1.71
CA ARG B 173 -2.69 16.11 0.74
C ARG B 173 -2.86 17.01 -0.46
N ASN B 174 -1.78 17.65 -0.89
CA ASN B 174 -1.85 18.55 -2.03
C ASN B 174 -2.51 17.86 -3.22
N CYS B 175 -3.42 18.57 -3.88
CA CYS B 175 -3.99 18.17 -5.17
C CYS B 175 -3.98 19.36 -6.11
N ALA B 176 -3.20 19.28 -7.18
CA ALA B 176 -3.18 20.31 -8.19
C ALA B 176 -4.45 20.26 -9.03
N THR B 177 -4.90 21.43 -9.47
CA THR B 177 -6.19 21.55 -10.13
C THR B 177 -6.21 22.76 -11.05
N PHE B 178 -6.85 22.63 -12.21
CA PHE B 178 -7.10 23.73 -13.14
C PHE B 178 -8.28 24.57 -12.65
N ASN B 179 -8.33 25.84 -13.06
CA ASN B 179 -9.52 26.65 -12.84
C ASN B 179 -10.51 26.42 -13.97
N PRO B 180 -11.72 26.98 -13.87
CA PRO B 180 -12.77 26.61 -14.83
C PRO B 180 -12.40 26.89 -16.29
N THR B 181 -11.56 27.88 -16.57
CA THR B 181 -11.20 28.22 -17.93
C THR B 181 -9.80 27.73 -18.31
N ASP B 182 -9.18 26.91 -17.46
CA ASP B 182 -7.94 26.21 -17.76
C ASP B 182 -6.73 27.12 -17.85
N ASP B 183 -6.88 28.42 -17.57
CA ASP B 183 -5.76 29.34 -17.71
C ASP B 183 -4.93 29.45 -16.44
N LEU B 184 -5.47 28.97 -15.31
CA LEU B 184 -4.79 29.04 -14.03
C LEU B 184 -4.72 27.65 -13.40
N VAL B 185 -3.72 27.46 -12.56
CA VAL B 185 -3.58 26.23 -11.79
C VAL B 185 -3.38 26.62 -10.34
N LEU B 186 -4.03 25.91 -9.45
CA LEU B 186 -3.71 25.96 -8.03
C LEU B 186 -2.93 24.69 -7.69
N ASN B 187 -1.74 24.87 -7.12
CA ASN B 187 -0.92 23.73 -6.70
C ASN B 187 -0.21 24.07 -5.40
N ASP B 188 -0.44 23.27 -4.36
CA ASP B 188 0.22 23.45 -3.08
C ASP B 188 -0.02 24.86 -2.53
N GLY B 189 -1.20 25.40 -2.78
CA GLY B 189 -1.54 26.74 -2.32
C GLY B 189 -0.89 27.87 -3.10
N VAL B 190 -0.29 27.58 -4.25
CA VAL B 190 0.32 28.58 -5.12
C VAL B 190 -0.54 28.69 -6.38
N LEU B 191 -0.94 29.90 -6.73
CA LEU B 191 -1.69 30.14 -7.95
C LEU B 191 -0.72 30.35 -9.12
N TRP B 192 -0.92 29.61 -10.20
CA TRP B 192 -0.01 29.64 -11.34
C TRP B 192 -0.72 30.13 -12.60
N ASP B 193 -0.02 30.91 -13.39
CA ASP B 193 -0.49 31.27 -14.72
C ASP B 193 0.07 30.23 -15.69
N VAL B 194 -0.83 29.45 -16.29
CA VAL B 194 -0.40 28.30 -17.09
C VAL B 194 0.40 28.78 -18.31
N ARG B 195 -0.17 29.72 -19.07
CA ARG B 195 0.42 30.16 -20.35
C ARG B 195 1.88 30.53 -20.16
N SER B 196 2.19 31.31 -19.13
CA SER B 196 3.53 31.79 -18.83
C SER B 196 4.29 30.87 -17.91
N ALA B 197 3.63 29.81 -17.40
CA ALA B 197 4.25 28.89 -16.44
C ALA B 197 4.88 29.66 -15.29
N GLN B 198 4.19 30.67 -14.81
CA GLN B 198 4.69 31.52 -13.72
C GLN B 198 3.74 31.53 -12.53
N ALA B 199 4.33 31.54 -11.33
CA ALA B 199 3.57 31.68 -10.10
C ALA B 199 3.14 33.12 -9.94
N ILE B 200 1.84 33.35 -9.81
CA ILE B 200 1.34 34.71 -9.61
C ILE B 200 0.95 35.03 -8.16
N HIS B 201 0.77 34.02 -7.31
CA HIS B 201 0.41 34.35 -5.94
C HIS B 201 0.54 33.10 -5.07
N LYS B 202 1.14 33.28 -3.90
CA LYS B 202 1.17 32.22 -2.89
C LYS B 202 0.20 32.59 -1.78
N PHE B 203 -0.74 31.70 -1.51
CA PHE B 203 -1.63 31.85 -0.37
C PHE B 203 -0.95 31.26 0.85
N ASP B 204 -1.07 31.96 1.98
CA ASP B 204 -0.42 31.52 3.19
C ASP B 204 -0.99 30.19 3.67
N LYS B 205 -0.16 29.46 4.40
CA LYS B 205 -0.51 28.13 4.86
C LYS B 205 -1.18 28.21 6.22
N PHE B 206 -2.43 27.76 6.30
CA PHE B 206 -3.19 27.78 7.55
C PHE B 206 -3.67 26.39 7.97
N ASN B 207 -3.22 25.33 7.29
CA ASN B 207 -3.52 23.97 7.73
C ASN B 207 -2.44 23.07 7.12
N MET B 208 -2.40 21.82 7.57
CA MET B 208 -1.31 20.93 7.18
C MET B 208 -1.58 20.14 5.91
N ASN B 209 -2.84 20.02 5.49
CA ASN B 209 -3.26 18.97 4.55
C ASN B 209 -3.86 19.48 3.25
N ILE B 210 -4.82 20.41 3.31
CA ILE B 210 -5.67 20.78 2.19
C ILE B 210 -5.05 21.94 1.42
N SER B 211 -4.92 21.78 0.10
CA SER B 211 -4.28 22.78 -0.73
C SER B 211 -5.27 23.70 -1.45
N GLY B 212 -6.53 23.31 -1.59
CA GLY B 212 -7.58 24.19 -2.06
C GLY B 212 -8.02 23.90 -3.50
N VAL B 213 -9.16 24.49 -3.85
CA VAL B 213 -9.76 24.33 -5.18
C VAL B 213 -10.31 25.66 -5.69
N PHE B 214 -10.63 25.69 -6.97
CA PHE B 214 -11.30 26.82 -7.58
C PHE B 214 -12.81 26.70 -7.42
N HIS B 215 -13.45 27.81 -7.09
CA HIS B 215 -14.90 27.87 -7.17
C HIS B 215 -15.33 27.84 -8.63
N PRO B 216 -16.46 27.20 -8.95
CA PRO B 216 -16.91 27.18 -10.36
C PRO B 216 -17.11 28.57 -10.97
N ASN B 217 -17.36 29.60 -10.17
CA ASN B 217 -17.57 30.92 -10.78
C ASN B 217 -16.29 31.52 -11.36
N GLY B 218 -15.14 30.89 -11.14
CA GLY B 218 -13.88 31.40 -11.66
C GLY B 218 -13.36 32.64 -10.95
N LEU B 219 -13.98 33.06 -9.84
CA LEU B 219 -13.58 34.35 -9.22
C LEU B 219 -13.06 34.20 -7.78
N GLU B 220 -13.06 32.98 -7.24
CA GLU B 220 -12.55 32.80 -5.90
C GLU B 220 -12.00 31.39 -5.76
N VAL B 221 -11.15 31.20 -4.74
CA VAL B 221 -10.63 29.88 -4.41
C VAL B 221 -11.02 29.55 -2.97
N ILE B 222 -11.19 28.26 -2.74
CA ILE B 222 -11.57 27.70 -1.45
C ILE B 222 -10.39 26.89 -0.97
N ILE B 223 -9.67 27.39 0.03
CA ILE B 223 -8.48 26.72 0.54
C ILE B 223 -8.78 26.40 2.00
N ASN B 224 -9.32 25.20 2.24
CA ASN B 224 -9.64 24.76 3.59
C ASN B 224 -10.70 25.73 4.12
N THR B 225 -10.50 26.34 5.29
CA THR B 225 -11.48 27.27 5.88
C THR B 225 -11.46 28.67 5.25
N GLU B 226 -10.56 28.96 4.31
CA GLU B 226 -10.38 30.31 3.78
C GLU B 226 -10.97 30.41 2.38
N ILE B 227 -11.81 31.42 2.17
CA ILE B 227 -12.36 31.73 0.85
C ILE B 227 -11.68 33.01 0.38
N TRP B 228 -10.82 32.89 -0.64
CA TRP B 228 -10.03 34.01 -1.15
C TRP B 228 -10.57 34.53 -2.47
N ASP B 229 -10.65 35.85 -2.58
CA ASP B 229 -11.07 36.49 -3.82
C ASP B 229 -9.93 36.46 -4.82
N LEU B 230 -10.19 35.99 -6.04
CA LEU B 230 -9.16 36.06 -7.08
C LEU B 230 -9.02 37.46 -7.68
N ARG B 231 -10.00 38.32 -7.49
CA ARG B 231 -9.90 39.69 -8.05
C ARG B 231 -8.95 40.54 -7.21
N THR B 232 -8.86 40.28 -5.90
CA THR B 232 -8.11 41.13 -4.99
C THR B 232 -7.22 40.37 -4.02
N PHE B 233 -7.38 39.05 -3.89
CA PHE B 233 -6.72 38.24 -2.87
C PHE B 233 -7.15 38.62 -1.45
N HIS B 234 -8.25 39.36 -1.29
CA HIS B 234 -8.80 39.54 0.05
C HIS B 234 -9.49 38.28 0.53
N LEU B 235 -9.69 38.19 1.85
CA LEU B 235 -10.42 37.10 2.46
C LEU B 235 -11.91 37.39 2.40
N LEU B 236 -12.65 36.61 1.60
CA LEU B 236 -14.09 36.79 1.50
C LEU B 236 -14.83 36.14 2.66
N HIS B 237 -14.44 34.93 3.06
CA HIS B 237 -15.19 34.21 4.08
C HIS B 237 -14.26 33.34 4.90
N THR B 238 -14.63 33.15 6.16
CA THR B 238 -14.10 32.11 7.03
C THR B 238 -15.21 31.07 7.18
N VAL B 239 -14.94 29.85 6.75
CA VAL B 239 -15.95 28.79 6.80
C VAL B 239 -15.39 27.64 7.62
N PRO B 240 -15.54 27.67 8.95
CA PRO B 240 -14.86 26.68 9.79
C PRO B 240 -15.27 25.26 9.49
N ALA B 241 -16.52 25.06 9.02
CA ALA B 241 -17.00 23.70 8.74
C ALA B 241 -16.28 23.06 7.57
N LEU B 242 -15.49 23.81 6.80
CA LEU B 242 -14.77 23.27 5.66
C LEU B 242 -13.39 22.75 6.02
N ASP B 243 -13.04 22.74 7.31
CA ASP B 243 -11.69 22.35 7.69
C ASP B 243 -11.47 20.88 7.36
N GLN B 244 -10.39 20.60 6.63
CA GLN B 244 -10.04 19.22 6.24
C GLN B 244 -11.07 18.58 5.30
N CYS B 245 -11.80 19.40 4.55
CA CYS B 245 -12.87 18.92 3.69
C CYS B 245 -12.43 18.86 2.24
N ARG B 246 -12.91 17.83 1.56
CA ARG B 246 -12.98 17.82 0.11
C ARG B 246 -14.36 18.28 -0.27
N VAL B 247 -14.47 18.97 -1.41
CA VAL B 247 -15.74 19.52 -1.83
C VAL B 247 -16.00 19.14 -3.28
N VAL B 248 -17.28 19.14 -3.64
CA VAL B 248 -17.70 19.03 -5.03
C VAL B 248 -19.00 19.82 -5.17
N PHE B 249 -19.20 20.41 -6.34
CA PHE B 249 -20.37 21.26 -6.59
C PHE B 249 -21.39 20.51 -7.43
N ASN B 250 -22.67 20.88 -7.28
CA ASN B 250 -23.63 20.46 -8.29
C ASN B 250 -23.27 21.14 -9.61
N HIS B 251 -23.88 20.65 -10.68
CA HIS B 251 -23.41 21.04 -12.00
C HIS B 251 -23.86 22.44 -12.40
N THR B 252 -24.74 23.08 -11.63
CA THR B 252 -25.04 24.50 -11.82
C THR B 252 -24.16 25.42 -10.99
N GLY B 253 -23.35 24.89 -10.09
CA GLY B 253 -22.51 25.76 -9.29
C GLY B 253 -23.26 26.50 -8.20
N THR B 254 -24.42 26.00 -7.79
CA THR B 254 -25.21 26.66 -6.76
C THR B 254 -25.16 25.97 -5.41
N VAL B 255 -24.74 24.73 -5.35
CA VAL B 255 -24.64 23.98 -4.11
C VAL B 255 -23.28 23.31 -4.06
N MET B 256 -22.69 23.26 -2.88
CA MET B 256 -21.39 22.65 -2.63
C MET B 256 -21.55 21.57 -1.59
N TYR B 257 -21.05 20.37 -1.90
CA TYR B 257 -20.99 19.26 -0.94
C TYR B 257 -19.61 19.21 -0.30
N GLY B 258 -19.59 19.02 1.03
CA GLY B 258 -18.34 18.94 1.76
C GLY B 258 -18.31 17.80 2.75
N ALA B 259 -17.24 17.00 2.71
CA ALA B 259 -17.04 15.96 3.73
C ALA B 259 -15.62 16.07 4.28
N MET B 260 -15.50 15.79 5.58
CA MET B 260 -14.25 15.98 6.31
C MET B 260 -13.40 14.72 6.27
N LEU B 261 -12.16 14.87 5.83
CA LEU B 261 -11.21 13.76 5.87
C LEU B 261 -11.11 13.19 7.28
N GLN B 262 -10.90 11.88 7.37
CA GLN B 262 -10.83 11.19 8.68
C GLN B 262 -9.58 11.61 9.42
N ALA B 263 -8.40 11.51 8.80
CA ALA B 263 -7.16 12.03 9.39
C ALA B 263 -6.43 11.02 10.27
N ASP B 264 -5.12 10.95 10.09
CA ASP B 264 -4.21 10.04 10.78
C ASP B 264 -4.62 9.66 12.20
N LEU B 269 1.64 6.33 7.57
CA LEU B 269 2.53 5.23 7.14
C LEU B 269 1.68 4.16 6.44
N MET B 270 1.75 4.07 5.11
CA MET B 270 0.90 3.12 4.34
C MET B 270 0.92 1.68 4.89
N GLU B 271 1.65 1.38 5.97
CA GLU B 271 1.61 0.02 6.58
C GLU B 271 0.50 -0.06 7.65
N GLU B 272 -0.75 0.21 7.29
CA GLU B 272 -1.93 0.10 8.15
C GLU B 272 -3.05 -0.50 7.31
N ARG B 273 -4.09 -0.98 7.98
CA ARG B 273 -5.26 -1.50 7.27
C ARG B 273 -6.06 -0.34 6.66
N MET B 274 -6.95 -0.69 5.73
CA MET B 274 -7.61 0.33 4.93
C MET B 274 -8.70 1.04 5.73
N LYS B 275 -8.57 2.36 5.87
CA LYS B 275 -9.54 3.21 6.55
C LYS B 275 -10.31 4.04 5.53
N SER B 276 -11.52 4.41 5.88
CA SER B 276 -12.31 5.26 4.99
C SER B 276 -11.67 6.64 4.92
N PRO B 277 -11.65 7.27 3.75
CA PRO B 277 -11.06 8.60 3.68
C PRO B 277 -11.83 9.65 4.45
N PHE B 278 -13.14 9.49 4.63
CA PHE B 278 -13.98 10.52 5.22
C PHE B 278 -14.65 10.01 6.48
N GLY B 279 -15.23 10.95 7.21
CA GLY B 279 -16.07 10.65 8.36
C GLY B 279 -17.44 10.18 7.92
N SER B 280 -18.40 10.33 8.83
CA SER B 280 -19.73 9.75 8.65
C SER B 280 -20.77 10.78 8.21
N SER B 281 -20.36 12.02 7.94
CA SER B 281 -21.32 13.04 7.54
C SER B 281 -20.77 13.85 6.38
N PHE B 282 -21.67 14.39 5.58
CA PHE B 282 -21.31 15.43 4.63
C PHE B 282 -22.24 16.61 4.85
N ARG B 283 -21.91 17.75 4.25
CA ARG B 283 -22.73 18.93 4.37
C ARG B 283 -22.86 19.62 3.04
N THR B 284 -23.99 20.28 2.83
CA THR B 284 -24.21 21.10 1.67
C THR B 284 -24.18 22.57 2.09
N PHE B 285 -23.69 23.41 1.19
CA PHE B 285 -23.60 24.83 1.41
C PHE B 285 -24.14 25.57 0.20
N ASN B 286 -24.72 26.73 0.48
CA ASN B 286 -25.06 27.66 -0.58
C ASN B 286 -23.76 28.12 -1.24
N ALA B 287 -23.65 27.90 -2.55
CA ALA B 287 -22.38 28.15 -3.21
C ALA B 287 -22.05 29.64 -3.35
N THR B 288 -23.02 30.52 -3.15
CA THR B 288 -22.78 31.95 -3.31
C THR B 288 -22.26 32.61 -2.03
N ASP B 289 -22.77 32.21 -0.87
CA ASP B 289 -22.39 32.84 0.39
C ASP B 289 -21.86 31.84 1.40
N TYR B 290 -21.73 30.56 1.03
CA TYR B 290 -21.21 29.50 1.91
C TYR B 290 -22.09 29.27 3.12
N LYS B 291 -23.32 29.71 3.08
CA LYS B 291 -24.19 29.43 4.21
C LYS B 291 -24.64 27.97 4.20
N PRO B 292 -24.68 27.32 5.35
CA PRO B 292 -25.03 25.89 5.38
C PRO B 292 -26.46 25.67 4.92
N ILE B 293 -26.66 24.61 4.15
CA ILE B 293 -27.99 24.17 3.76
C ILE B 293 -28.43 22.97 4.58
N ALA B 294 -27.62 21.91 4.61
CA ALA B 294 -28.01 20.71 5.32
C ALA B 294 -26.76 20.00 5.82
N THR B 295 -26.91 19.27 6.92
CA THR B 295 -25.88 18.35 7.39
C THR B 295 -26.49 16.97 7.41
N ILE B 296 -25.82 16.03 6.74
CA ILE B 296 -26.33 14.68 6.54
C ILE B 296 -25.39 13.72 7.23
N ASP B 297 -25.85 13.12 8.30
CA ASP B 297 -25.09 12.09 9.02
C ASP B 297 -25.65 10.73 8.62
N VAL B 298 -24.90 10.01 7.78
CA VAL B 298 -25.33 8.68 7.34
C VAL B 298 -24.98 7.58 8.31
N LYS B 299 -24.34 7.93 9.44
CA LYS B 299 -24.05 6.99 10.52
C LYS B 299 -23.10 5.88 10.08
N ARG B 300 -22.36 6.12 9.00
CA ARG B 300 -21.36 5.20 8.49
C ARG B 300 -20.27 6.03 7.83
N ASN B 301 -19.05 5.53 7.89
CA ASN B 301 -17.95 6.24 7.25
C ASN B 301 -18.15 6.28 5.75
N ILE B 302 -17.76 7.40 5.15
CA ILE B 302 -17.99 7.69 3.74
C ILE B 302 -16.68 7.54 2.97
N PHE B 303 -16.74 6.85 1.83
CA PHE B 303 -15.62 6.72 0.92
C PHE B 303 -15.64 7.72 -0.22
N ASP B 304 -16.80 8.02 -0.78
CA ASP B 304 -16.89 8.92 -1.92
C ASP B 304 -18.35 9.35 -2.06
N LEU B 305 -18.56 10.41 -2.83
CA LEU B 305 -19.91 10.74 -3.28
C LEU B 305 -19.82 11.51 -4.58
N CYS B 306 -20.89 11.43 -5.35
CA CYS B 306 -20.96 12.13 -6.62
C CYS B 306 -22.42 12.37 -6.94
N THR B 307 -22.66 13.26 -7.89
CA THR B 307 -23.99 13.52 -8.42
C THR B 307 -23.94 13.38 -9.93
N ASP B 308 -25.09 13.12 -10.53
CA ASP B 308 -25.21 13.00 -11.97
C ASP B 308 -25.29 14.38 -12.62
N THR B 309 -25.05 14.44 -13.94
CA THR B 309 -24.93 15.72 -14.60
C THR B 309 -26.18 16.57 -14.43
N LYS B 310 -27.34 15.95 -14.21
CA LYS B 310 -28.58 16.67 -13.99
C LYS B 310 -28.86 16.92 -12.52
N ASP B 311 -28.02 16.41 -11.62
CA ASP B 311 -28.23 16.60 -10.19
C ASP B 311 -29.61 16.13 -9.74
N CYS B 312 -30.07 15.04 -10.37
CA CYS B 312 -31.22 14.29 -9.86
C CYS B 312 -30.83 13.38 -8.71
N TYR B 313 -29.63 12.79 -8.77
CA TYR B 313 -29.23 11.72 -7.88
C TYR B 313 -27.90 12.02 -7.24
N LEU B 314 -27.76 11.54 -6.01
CA LEU B 314 -26.52 11.54 -5.25
C LEU B 314 -26.15 10.09 -4.96
N ALA B 315 -24.96 9.67 -5.39
CA ALA B 315 -24.43 8.37 -5.02
C ALA B 315 -23.35 8.55 -3.96
N VAL B 316 -23.46 7.78 -2.88
CA VAL B 316 -22.53 7.80 -1.76
C VAL B 316 -22.02 6.38 -1.52
N ILE B 317 -20.72 6.22 -1.43
CA ILE B 317 -20.12 4.94 -1.04
C ILE B 317 -19.95 4.97 0.47
N GLU B 318 -20.62 4.04 1.15
CA GLU B 318 -20.71 4.04 2.60
C GLU B 318 -20.24 2.70 3.14
N ASN B 319 -19.54 2.74 4.26
CA ASN B 319 -19.03 1.54 4.88
C ASN B 319 -20.10 0.98 5.81
N GLN B 320 -20.32 -0.33 5.74
CA GLN B 320 -21.20 -0.99 6.70
C GLN B 320 -20.48 -1.18 8.02
N GLY B 321 -21.15 -0.84 9.11
CA GLY B 321 -20.59 -1.03 10.44
C GLY B 321 -20.36 0.25 11.22
N ASN B 327 -13.50 -2.49 9.83
CA ASN B 327 -13.46 -3.44 8.73
C ASN B 327 -14.19 -2.91 7.49
N MET B 328 -13.58 -3.05 6.31
CA MET B 328 -14.12 -2.44 5.10
C MET B 328 -15.14 -3.36 4.43
N ASP B 329 -16.35 -2.86 4.25
CA ASP B 329 -17.44 -3.62 3.63
C ASP B 329 -18.45 -2.57 3.18
N THR B 330 -18.24 -2.04 1.97
CA THR B 330 -18.93 -0.83 1.54
C THR B 330 -20.15 -1.15 0.69
N VAL B 331 -21.11 -0.23 0.73
CA VAL B 331 -22.24 -0.27 -0.19
C VAL B 331 -22.26 1.05 -0.91
N CYS B 332 -22.93 1.06 -2.06
CA CYS B 332 -23.28 2.28 -2.75
C CYS B 332 -24.75 2.57 -2.47
N ARG B 333 -25.03 3.73 -1.91
CA ARG B 333 -26.40 4.17 -1.68
C ARG B 333 -26.73 5.33 -2.60
N LEU B 334 -27.84 5.20 -3.31
CA LEU B 334 -28.32 6.21 -4.24
C LEU B 334 -29.43 6.99 -3.56
N TYR B 335 -29.33 8.31 -3.60
CA TYR B 335 -30.33 9.19 -2.99
C TYR B 335 -30.86 10.17 -4.03
N GLU B 336 -32.15 10.47 -3.88
CA GLU B 336 -32.81 11.47 -4.71
C GLU B 336 -32.47 12.86 -4.18
N VAL B 337 -32.01 13.73 -5.07
CA VAL B 337 -31.71 15.10 -4.67
C VAL B 337 -33.00 15.94 -4.75
N GLY B 338 -33.42 16.32 -3.56
CA GLY B 338 -34.47 17.33 -3.39
C GLY B 338 -33.87 18.69 -3.10
C01 A1ANM C . 9.10 -10.33 7.23
C03 A1ANM C . 9.51 -9.10 5.47
C04 A1ANM C . 8.86 -8.47 4.21
C06 A1ANM C . 7.20 -6.80 3.44
C07 A1ANM C . 7.34 -7.28 2.15
C08 A1ANM C . 6.70 -6.64 1.08
C09 A1ANM C . 5.91 -5.54 1.35
C10 A1ANM C . 5.17 -4.84 0.41
C11 A1ANM C . 5.55 -4.49 -0.88
C13 A1ANM C . 4.65 -3.78 -1.67
C14 A1ANM C . 3.40 -3.46 -1.17
C15 A1ANM C . 3.07 -3.83 0.13
C16 A1ANM C . 1.70 -3.50 0.68
C19 A1ANM C . -0.20 -3.85 2.49
C20 A1ANM C . -1.10 -2.69 2.02
C22 A1ANM C . -1.03 -0.50 1.31
C23 A1ANM C . -2.50 -0.32 1.66
C25 A1ANM C . -3.94 0.92 3.04
C26 A1ANM C . -3.89 1.89 4.21
C28 A1ANM C . -3.78 4.14 4.76
C29 A1ANM C . -5.13 4.04 5.44
C31 A1ANM C . -5.74 6.15 4.65
C32 A1ANM C . -6.91 6.85 3.98
C34 A1ANM C . -7.32 7.32 1.55
C36 A1ANM C . -7.44 6.79 0.11
C38 A1ANM C . -9.23 8.18 -0.87
C39 A1ANM C . -9.28 9.27 -1.71
C40 A1ANM C . -10.43 9.92 -2.14
C42 A1ANM C . -12.45 10.20 -2.82
C43 A1ANM C . -11.90 11.45 -2.71
C44 A1ANM C . -12.63 12.78 -3.02
C47 A1ANM C . -14.65 14.03 -3.73
C48 A1ANM C . -15.37 13.90 -5.05
C49 A1ANM C . -14.48 14.07 -6.28
C52 A1ANM C . -15.63 14.38 -2.63
C53 A1ANM C . -16.02 13.41 -1.73
C54 A1ANM C . -16.92 13.74 -0.74
C56 A1ANM C . -17.43 15.02 -0.67
C58 A1ANM C . -17.04 15.98 -1.57
C59 A1ANM C . -16.14 15.66 -2.57
C60 A1ANM C . -10.61 11.29 -2.27
C61 A1ANM C . -9.65 12.28 -2.01
C62 A1ANM C . -9.34 12.56 -0.70
C63 A1ANM C . -8.40 13.51 -0.41
C64 A1ANM C . -7.77 14.20 -1.43
C66 A1ANM C . -8.08 13.92 -2.74
C67 A1ANM C . -9.02 12.96 -3.03
C69 A1ANM C . -7.97 9.59 -2.04
C71 A1ANM C . 3.94 -4.52 0.91
C72 A1ANM C . 5.74 -5.09 2.64
C73 A1ANM C . 6.37 -5.73 3.69
C75 A1ANM C . 4.90 -5.12 5.70
C77 A1ANM C . 4.95 -4.33 7.00
C78 A1ANM C . 4.41 -4.79 8.31
C79 A1ANM C . 3.72 -6.14 8.44
C83 A1ANM C . 4.54 -3.89 9.50
C84 A1ANM C . 5.24 -2.54 9.36
C87 A1ANM C . 5.63 -2.98 6.89
C88 A1ANM C . 6.88 -8.23 5.37
C89 A1ANM C . 7.45 -9.07 6.55
C90 A1ANM C . 6.31 -10.04 6.96
C91 A1ANM C . 10.64 -10.07 4.97
F12 A1ANM C . 6.76 -4.81 -1.35
F57 A1ANM C . -18.32 15.34 0.31
F68 A1ANM C . -9.31 12.70 -4.33
F80 A1ANM C . 4.54 -7.09 7.92
F81 A1ANM C . 2.55 -6.12 7.75
F82 A1ANM C . 3.46 -6.40 9.74
N02 A1ANM C . 8.58 -9.80 6.22
N05 A1ANM C . 7.85 -7.50 4.56
N18 A1ANM C . 1.15 -4.06 1.92
N33 A1ANM C . -7.03 6.38 2.61
N37 A1ANM C . -7.95 7.87 -0.73
N41 A1ANM C . -11.55 9.31 -2.46
N46 A1ANM C . -14.02 12.74 -3.45
N51 A1ANM C . -15.03 13.93 -7.61
N70 A1ANM C . -7.18 8.74 -1.43
N74 A1ANM C . 6.16 -5.12 4.98
N86 A1ANM C . 5.77 -2.10 8.06
O17 A1ANM C . 1.04 -2.87 -0.04
O21 A1ANM C . -0.47 -1.47 2.16
O24 A1ANM C . -2.65 0.81 2.47
O27 A1ANM C . -3.77 3.21 3.73
O30 A1ANM C . -6.03 4.78 4.68
O35 A1ANM C . -7.47 8.46 1.81
O45 A1ANM C . -12.10 13.82 -2.91
O50 A1ANM C . -13.33 14.31 -6.15
O76 A1ANM C . 3.94 -5.66 5.28
O85 A1ANM C . 5.35 -1.83 10.27
CL55 A1ANM C . -17.43 12.50 0.42
CL65 A1ANM C . -6.55 15.44 -1.04
#